data_5KU6
#
_entry.id   5KU6
#
_cell.length_a   64.965
_cell.length_b   123.698
_cell.length_c   151.367
_cell.angle_alpha   90.00
_cell.angle_beta   90.00
_cell.angle_gamma   90.00
#
_symmetry.space_group_name_H-M   'P 21 21 21'
#
loop_
_entity.id
_entity.type
_entity.pdbx_description
1 polymer 'Carbonic anhydrase 4'
2 non-polymer N-(3-methyl-5-sulfamoyl-1,3,4-thiadiazol-2(3H)-ylidene)acetamide
3 non-polymer 'ZINC ION'
4 non-polymer 'SULFATE ION'
5 non-polymer GLYCEROL
6 non-polymer 'ACETATE ION'
7 water water
#
_entity_poly.entity_id   1
_entity_poly.type   'polypeptide(L)'
_entity_poly.pdbx_seq_one_letter_code
;AESHWCYEVQAESSNYPCLVPVKWGGNCQKDRQSPINIVTTKAKVDKKLGRFFFSGYDKKQTWTVQNNGHSVMMLLENKA
SISGGGLPAPYQAKQLHLHWSDLPYKGSEHSLDGEHFAMEMHIVHEKEKGTSRNVKEAQDPEDEIAVLAFLVEAGTQVNE
GFQPLVEALSNIPKPEMSTTMAESSLLDLLPKEEKLRHYFRYLGSLTTPTCDEKVVWTVFREPIQLHREQILAFSQKLYY
DKEQTVSMKDNVRPLQQLGQRTVIKS
;
_entity_poly.pdbx_strand_id   A,B,C,D
#
# COMPACT_ATOMS: atom_id res chain seq x y z
N ALA A 1 -4.73 -28.23 30.33
CA ALA A 1 -4.24 -27.64 29.06
C ALA A 1 -3.55 -28.73 28.25
N GLU A 2 -4.02 -28.96 27.04
CA GLU A 2 -3.56 -30.12 26.27
C GLU A 2 -2.35 -29.86 25.41
N SER A 3 -2.01 -28.58 25.22
CA SER A 3 -0.78 -28.16 24.55
C SER A 3 -0.42 -26.70 24.88
N HIS A 4 0.78 -26.27 24.47
CA HIS A 4 1.26 -24.90 24.69
C HIS A 4 0.42 -23.90 23.90
N TRP A 5 0.22 -22.72 24.49
CA TRP A 5 -0.48 -21.62 23.82
C TRP A 5 0.31 -21.16 22.60
N CYS A 6 -0.40 -20.71 21.59
CA CYS A 6 0.23 -20.16 20.39
C CYS A 6 -0.67 -19.08 19.79
N TYR A 7 -0.17 -18.37 18.80
CA TYR A 7 -1.01 -17.51 17.97
C TYR A 7 -1.56 -18.34 16.81
N GLU A 8 -2.66 -17.85 16.23
CA GLU A 8 -3.32 -18.51 15.11
C GLU A 8 -2.33 -18.91 14.00
N VAL A 9 -1.47 -17.95 13.62
CA VAL A 9 -0.50 -18.15 12.55
C VAL A 9 0.39 -19.39 12.79
N GLN A 10 0.71 -19.67 14.06
CA GLN A 10 1.59 -20.80 14.39
C GLN A 10 0.88 -22.13 14.13
N ALA A 11 -0.39 -22.20 14.53
CA ALA A 11 -1.26 -23.36 14.28
C ALA A 11 -1.50 -23.59 12.79
N GLU A 12 -1.67 -22.49 12.04
CA GLU A 12 -1.89 -22.56 10.60
C GLU A 12 -0.63 -22.93 9.81
N SER A 13 0.54 -22.59 10.35
CA SER A 13 1.80 -22.73 9.61
C SER A 13 2.57 -23.98 9.97
N SER A 14 2.07 -24.75 10.93
CA SER A 14 2.79 -25.94 11.40
C SER A 14 1.84 -27.09 11.71
N ASN A 15 2.33 -28.30 11.53
CA ASN A 15 1.53 -29.47 11.84
C ASN A 15 1.61 -29.85 13.32
N TYR A 16 2.56 -29.26 14.05
CA TYR A 16 2.68 -29.48 15.49
C TYR A 16 1.53 -28.77 16.20
N PRO A 17 0.69 -29.51 16.94
CA PRO A 17 -0.51 -28.93 17.56
C PRO A 17 -0.20 -27.96 18.71
N CYS A 18 -1.04 -26.93 18.83
CA CYS A 18 -0.90 -25.89 19.86
C CYS A 18 -2.26 -25.24 20.12
N LEU A 19 -2.37 -24.51 21.24
CA LEU A 19 -3.64 -23.90 21.65
C LEU A 19 -3.79 -22.46 21.15
N VAL A 20 -4.65 -22.28 20.15
CA VAL A 20 -4.92 -20.95 19.55
C VAL A 20 -5.66 -19.99 20.50
N PRO A 21 -5.61 -18.66 20.21
CA PRO A 21 -6.12 -17.67 21.17
C PRO A 21 -7.53 -17.88 21.72
N VAL A 22 -8.47 -18.30 20.88
CA VAL A 22 -9.86 -18.47 21.34
C VAL A 22 -9.95 -19.65 22.32
N LYS A 23 -8.90 -20.47 22.34
CA LYS A 23 -8.83 -21.65 23.22
C LYS A 23 -7.86 -21.48 24.38
N TRP A 24 -7.19 -20.33 24.51
CA TRP A 24 -6.28 -20.07 25.62
C TRP A 24 -6.89 -20.31 27.04
N GLY A 25 -6.06 -20.77 27.98
CA GLY A 25 -6.48 -21.02 29.34
C GLY A 25 -6.23 -19.88 30.30
N GLY A 26 -5.81 -20.17 31.51
CA GLY A 26 -5.53 -19.15 32.50
C GLY A 26 -6.72 -18.25 32.73
N ASN A 27 -6.47 -16.96 32.76
CA ASN A 27 -7.54 -16.01 32.94
C ASN A 27 -8.03 -15.44 31.63
N CYS A 28 -7.56 -16.02 30.55
CA CYS A 28 -7.78 -15.51 29.19
C CYS A 28 -9.25 -15.49 28.74
N GLN A 29 -10.11 -16.21 29.46
CA GLN A 29 -11.53 -16.31 29.14
C GLN A 29 -12.42 -15.44 30.04
N LYS A 30 -11.81 -14.58 30.84
CA LYS A 30 -12.56 -13.72 31.74
C LYS A 30 -13.03 -12.45 31.00
N ASP A 31 -13.72 -11.55 31.69
CA ASP A 31 -14.50 -10.51 30.99
C ASP A 31 -13.94 -9.08 30.97
N ARG A 32 -12.69 -8.93 31.36
CA ARG A 32 -12.01 -7.63 31.32
CA ARG A 32 -12.00 -7.63 31.32
C ARG A 32 -10.67 -7.78 30.60
N GLN A 33 -10.74 -8.27 29.36
CA GLN A 33 -9.56 -8.62 28.59
C GLN A 33 -9.09 -7.51 27.64
N SER A 34 -7.84 -7.64 27.19
CA SER A 34 -7.24 -6.73 26.23
C SER A 34 -6.64 -7.58 25.12
N PRO A 35 -6.43 -7.03 23.90
CA PRO A 35 -6.65 -5.65 23.44
C PRO A 35 -8.10 -5.38 23.07
N ILE A 36 -8.40 -4.11 22.80
CA ILE A 36 -9.74 -3.70 22.39
C ILE A 36 -9.66 -2.71 21.22
N ASN A 37 -10.79 -2.50 20.56
CA ASN A 37 -10.96 -1.34 19.68
C ASN A 37 -11.36 -0.14 20.51
N ILE A 38 -10.72 0.98 20.24
CA ILE A 38 -11.06 2.25 20.89
C ILE A 38 -11.82 3.17 19.91
N VAL A 39 -13.10 3.42 20.19
CA VAL A 39 -13.84 4.45 19.48
C VAL A 39 -13.42 5.81 20.07
N THR A 40 -12.59 6.54 19.33
CA THR A 40 -11.90 7.71 19.90
C THR A 40 -12.81 8.87 20.29
N THR A 41 -13.90 9.07 19.54
CA THR A 41 -14.84 10.15 19.84
C THR A 41 -15.77 9.81 21.01
N LYS A 42 -15.76 8.54 21.45
CA LYS A 42 -16.62 8.13 22.55
C LYS A 42 -15.90 8.08 23.89
N ALA A 43 -14.57 8.10 23.86
CA ALA A 43 -13.78 8.20 25.07
C ALA A 43 -13.90 9.60 25.67
N LYS A 44 -14.36 9.70 26.91
CA LYS A 44 -14.51 11.00 27.58
C LYS A 44 -13.17 11.55 28.07
N VAL A 45 -12.99 12.86 27.88
CA VAL A 45 -11.85 13.58 28.44
C VAL A 45 -11.91 13.53 29.96
N ASP A 46 -10.81 13.11 30.57
CA ASP A 46 -10.64 13.18 32.01
C ASP A 46 -9.47 14.12 32.27
N LYS A 47 -9.76 15.26 32.90
CA LYS A 47 -8.77 16.34 33.08
C LYS A 47 -7.63 15.95 34.03
N LYS A 48 -7.87 14.95 34.85
CA LYS A 48 -6.87 14.42 35.78
C LYS A 48 -5.77 13.58 35.11
N LEU A 49 -5.95 13.30 33.82
CA LEU A 49 -4.90 12.62 33.05
C LEU A 49 -3.94 13.66 32.47
N GLY A 50 -2.90 13.97 33.24
CA GLY A 50 -1.89 14.94 32.83
C GLY A 50 -0.74 14.27 32.11
N ARG A 51 0.36 15.02 31.97
CA ARG A 51 1.51 14.53 31.21
C ARG A 51 2.22 13.39 31.96
N PHE A 52 2.89 12.52 31.21
CA PHE A 52 3.76 11.52 31.80
C PHE A 52 5.10 12.13 32.14
N PHE A 53 5.75 11.58 33.17
CA PHE A 53 7.15 11.86 33.42
C PHE A 53 7.94 10.58 33.21
N PHE A 54 8.92 10.65 32.33
CA PHE A 54 9.75 9.51 32.03
C PHE A 54 11.08 9.66 32.77
N SER A 55 11.51 8.63 33.48
CA SER A 55 12.84 8.62 34.09
C SER A 55 13.68 7.53 33.47
N GLY A 56 14.92 7.88 33.11
CA GLY A 56 15.84 6.91 32.51
C GLY A 56 15.59 6.64 31.03
N TYR A 57 14.61 7.34 30.46
CA TYR A 57 14.23 7.16 29.06
C TYR A 57 15.20 7.86 28.08
N ASP A 58 15.89 8.89 28.56
CA ASP A 58 16.77 9.70 27.71
C ASP A 58 18.22 9.23 27.76
N LYS A 59 18.54 8.37 28.72
CA LYS A 59 19.91 7.88 28.95
C LYS A 59 20.29 6.83 27.91
N LYS A 60 21.45 7.00 27.28
CA LYS A 60 21.94 6.01 26.32
C LYS A 60 22.47 4.80 27.08
N GLN A 61 22.00 3.62 26.69
CA GLN A 61 22.33 2.34 27.32
C GLN A 61 22.63 1.32 26.23
N THR A 62 23.31 0.24 26.59
CA THR A 62 23.45 -0.94 25.71
C THR A 62 22.52 -2.04 26.20
N TRP A 63 21.32 -2.10 25.66
CA TRP A 63 20.29 -2.98 26.20
C TRP A 63 20.48 -4.43 25.75
N THR A 64 20.11 -5.36 26.62
CA THR A 64 19.99 -6.77 26.22
C THR A 64 18.62 -6.97 25.58
N VAL A 65 18.63 -7.56 24.38
CA VAL A 65 17.40 -7.83 23.66
C VAL A 65 17.37 -9.34 23.40
N GLN A 66 16.21 -9.95 23.55
CA GLN A 66 16.11 -11.40 23.40
C GLN A 66 14.85 -11.85 22.69
N ASN A 67 14.98 -12.96 21.98
CA ASN A 67 13.84 -13.65 21.36
C ASN A 67 13.25 -14.62 22.36
N ASN A 68 12.02 -14.38 22.83
CA ASN A 68 11.41 -15.26 23.82
C ASN A 68 10.46 -16.31 23.23
N GLY A 69 10.49 -16.43 21.90
CA GLY A 69 9.62 -17.38 21.21
C GLY A 69 8.28 -16.82 20.77
N HIS A 70 7.88 -15.67 21.28
CA HIS A 70 6.62 -15.02 20.85
C HIS A 70 6.74 -13.51 20.56
N SER A 71 7.94 -12.96 20.80
CA SER A 71 8.24 -11.55 20.54
C SER A 71 9.76 -11.34 20.67
N VAL A 72 10.20 -10.11 20.42
CA VAL A 72 11.54 -9.67 20.77
C VAL A 72 11.37 -8.71 21.95
N MET A 73 12.18 -8.91 22.99
CA MET A 73 12.03 -8.22 24.26
C MET A 73 13.32 -7.60 24.76
N MET A 74 13.29 -6.29 25.01
CA MET A 74 14.41 -5.60 25.68
C MET A 74 14.22 -5.68 27.19
N LEU A 75 15.29 -5.97 27.90
CA LEU A 75 15.24 -6.11 29.35
C LEU A 75 15.59 -4.76 29.95
N LEU A 76 14.64 -4.15 30.65
CA LEU A 76 14.83 -2.77 31.12
C LEU A 76 15.25 -2.69 32.59
N GLU A 77 15.16 -3.84 33.24
CA GLU A 77 15.64 -4.12 34.58
C GLU A 77 15.61 -2.97 35.52
N ASN A 78 14.47 -2.34 35.63
CA ASN A 78 14.30 -1.17 36.48
C ASN A 78 15.22 0.04 36.20
N LYS A 79 15.84 0.16 35.01
CA LYS A 79 16.69 1.25 34.64
C LYS A 79 15.92 2.48 34.15
N ALA A 80 14.61 2.37 34.11
CA ALA A 80 13.69 3.41 33.75
C ALA A 80 12.41 3.28 34.58
N SER A 81 11.69 4.35 34.65
CA SER A 81 10.45 4.44 35.42
C SER A 81 9.58 5.56 34.89
N ILE A 82 8.31 5.53 35.26
CA ILE A 82 7.34 6.53 34.84
C ILE A 82 6.53 7.01 36.03
N SER A 83 6.04 8.24 35.92
CA SER A 83 5.04 8.77 36.84
C SER A 83 4.18 9.77 36.09
N GLY A 84 3.17 10.31 36.77
CA GLY A 84 2.19 11.18 36.12
C GLY A 84 1.29 10.28 35.30
N GLY A 85 0.74 10.80 34.20
CA GLY A 85 -0.10 10.00 33.31
C GLY A 85 -1.43 9.60 33.95
N GLY A 86 -1.85 10.36 34.96
CA GLY A 86 -3.03 9.98 35.75
C GLY A 86 -2.85 8.64 36.48
N LEU A 87 -1.60 8.21 36.65
CA LEU A 87 -1.30 6.97 37.37
C LEU A 87 -1.25 7.22 38.87
N PRO A 88 -1.63 6.23 39.68
CA PRO A 88 -1.71 6.42 41.14
C PRO A 88 -0.36 6.32 41.89
N ALA A 89 0.68 5.88 41.20
CA ALA A 89 2.01 5.68 41.79
C ALA A 89 3.06 5.75 40.67
N PRO A 90 4.36 5.84 41.05
CA PRO A 90 5.37 5.60 40.02
C PRO A 90 5.43 4.12 39.69
N TYR A 91 5.84 3.80 38.46
CA TYR A 91 5.96 2.42 37.99
C TYR A 91 7.36 2.17 37.47
N GLN A 92 7.95 1.02 37.83
CA GLN A 92 9.29 0.67 37.35
C GLN A 92 9.27 -0.14 36.05
N ALA A 93 10.08 0.26 35.08
CA ALA A 93 10.14 -0.43 33.79
C ALA A 93 10.80 -1.81 33.89
N LYS A 94 10.13 -2.82 33.33
CA LYS A 94 10.62 -4.18 33.38
C LYS A 94 11.11 -4.65 32.01
N GLN A 95 10.27 -4.49 31.00
CA GLN A 95 10.62 -4.94 29.63
C GLN A 95 9.86 -4.18 28.57
N LEU A 96 10.41 -4.20 27.36
CA LEU A 96 9.78 -3.64 26.18
C LEU A 96 9.74 -4.75 25.14
N HIS A 97 8.59 -4.93 24.50
CA HIS A 97 8.48 -5.92 23.42
C HIS A 97 7.51 -5.40 22.37
N LEU A 98 7.36 -6.14 21.26
CA LEU A 98 6.52 -5.68 20.15
C LEU A 98 5.62 -6.77 19.61
N HIS A 99 4.61 -6.34 18.87
CA HIS A 99 3.69 -7.21 18.14
C HIS A 99 3.64 -6.62 16.74
N TRP A 100 3.64 -7.46 15.71
CA TRP A 100 3.68 -6.96 14.32
C TRP A 100 3.10 -7.95 13.31
N SER A 101 2.89 -7.47 12.09
CA SER A 101 2.57 -8.33 10.94
C SER A 101 3.58 -8.02 9.83
N ASP A 102 3.23 -8.31 8.57
CA ASP A 102 4.06 -7.92 7.43
C ASP A 102 3.25 -7.14 6.38
N LEU A 103 2.05 -6.69 6.77
CA LEU A 103 1.24 -5.80 5.94
C LEU A 103 0.94 -4.53 6.75
N PRO A 104 0.91 -3.35 6.08
CA PRO A 104 0.79 -2.06 6.79
C PRO A 104 -0.48 -1.88 7.61
N TYR A 105 -1.57 -2.51 7.18
CA TYR A 105 -2.89 -2.31 7.81
C TYR A 105 -3.19 -3.27 8.97
N LYS A 106 -2.19 -4.07 9.36
CA LYS A 106 -2.34 -4.94 10.52
C LYS A 106 -1.00 -5.16 11.20
N GLY A 107 -1.06 -5.66 12.43
CA GLY A 107 0.13 -5.82 13.23
C GLY A 107 -0.02 -5.30 14.65
N SER A 108 -0.90 -4.32 14.84
CA SER A 108 -1.19 -3.83 16.19
C SER A 108 -2.19 -4.73 16.90
N GLU A 109 -2.14 -4.74 18.23
CA GLU A 109 -3.13 -5.44 19.04
C GLU A 109 -4.39 -4.59 19.21
N HIS A 110 -4.22 -3.39 19.75
CA HIS A 110 -5.31 -2.41 19.78
C HIS A 110 -5.59 -1.84 18.39
N SER A 111 -6.82 -1.37 18.22
CA SER A 111 -7.16 -0.58 17.05
C SER A 111 -7.80 0.73 17.49
N LEU A 112 -7.61 1.77 16.68
CA LEU A 112 -8.23 3.08 16.91
C LEU A 112 -9.24 3.31 15.80
N ASP A 113 -10.50 3.44 16.18
CA ASP A 113 -11.58 3.65 15.23
C ASP A 113 -11.59 2.57 14.13
N GLY A 114 -11.26 1.33 14.53
CA GLY A 114 -11.26 0.19 13.62
C GLY A 114 -10.06 0.08 12.70
N GLU A 115 -9.08 0.96 12.90
CA GLU A 115 -7.83 0.90 12.14
C GLU A 115 -6.74 0.22 12.96
N HIS A 116 -6.16 -0.84 12.41
CA HIS A 116 -4.98 -1.46 12.99
C HIS A 116 -3.74 -0.81 12.39
N PHE A 117 -2.64 -0.84 13.13
CA PHE A 117 -1.38 -0.26 12.66
C PHE A 117 -0.39 -1.38 12.34
N ALA A 118 0.79 -1.03 11.82
CA ALA A 118 1.75 -2.01 11.32
C ALA A 118 2.42 -2.79 12.45
N MET A 119 2.57 -2.15 13.60
CA MET A 119 3.10 -2.80 14.82
C MET A 119 2.48 -2.15 16.03
N GLU A 120 2.70 -2.75 17.20
CA GLU A 120 2.38 -2.11 18.47
C GLU A 120 3.47 -2.47 19.47
N MET A 121 4.03 -1.44 20.10
CA MET A 121 5.09 -1.58 21.07
C MET A 121 4.53 -1.44 22.48
N HIS A 122 4.90 -2.38 23.36
CA HIS A 122 4.44 -2.40 24.74
C HIS A 122 5.63 -2.21 25.68
N ILE A 123 5.57 -1.17 26.52
CA ILE A 123 6.57 -1.00 27.59
C ILE A 123 5.87 -1.31 28.92
N VAL A 124 6.35 -2.37 29.56
CA VAL A 124 5.66 -2.99 30.68
C VAL A 124 6.32 -2.52 31.97
N HIS A 125 5.51 -1.97 32.88
CA HIS A 125 6.02 -1.41 34.14
C HIS A 125 5.24 -2.01 35.30
N GLU A 126 5.86 -2.00 36.48
CA GLU A 126 5.26 -2.56 37.70
C GLU A 126 5.09 -1.51 38.79
N LYS A 127 3.92 -1.51 39.42
CA LYS A 127 3.53 -0.49 40.39
C LYS A 127 4.42 -0.48 41.63
N GLU A 128 4.77 0.72 42.10
CA GLU A 128 5.37 0.86 43.44
C GLU A 128 4.24 0.95 44.46
N LYS A 129 4.01 -0.15 45.16
CA LYS A 129 2.88 -0.23 46.08
C LYS A 129 3.24 0.34 47.44
N GLY A 130 2.22 0.63 48.24
CA GLY A 130 2.41 0.97 49.63
C GLY A 130 1.76 -0.12 50.46
N THR A 131 1.76 0.05 51.78
CA THR A 131 0.90 -0.75 52.65
C THR A 131 -0.47 -0.05 52.70
N SER A 132 -1.51 -0.80 53.07
CA SER A 132 -2.83 -0.22 53.40
C SER A 132 -3.56 -0.99 54.52
N ASP A 140 -1.50 -8.15 42.43
CA ASP A 140 -2.62 -7.98 43.37
C ASP A 140 -3.68 -6.99 42.81
N PRO A 141 -3.38 -5.67 42.74
CA PRO A 141 -4.43 -4.76 42.27
C PRO A 141 -4.70 -4.79 40.76
N GLU A 142 -5.86 -4.25 40.37
CA GLU A 142 -6.25 -4.07 38.97
C GLU A 142 -5.24 -3.23 38.15
N ASP A 143 -4.36 -2.51 38.84
CA ASP A 143 -3.38 -1.66 38.15
C ASP A 143 -1.92 -1.96 38.56
N GLU A 144 -1.66 -3.20 38.95
CA GLU A 144 -0.31 -3.67 39.28
C GLU A 144 0.67 -3.41 38.14
N ILE A 145 0.21 -3.64 36.92
CA ILE A 145 1.05 -3.44 35.74
C ILE A 145 0.55 -2.23 34.92
N ALA A 146 1.46 -1.34 34.57
CA ALA A 146 1.16 -0.27 33.62
C ALA A 146 1.87 -0.61 32.31
N VAL A 147 1.10 -0.82 31.26
CA VAL A 147 1.69 -1.01 29.93
C VAL A 147 1.46 0.27 29.12
N LEU A 148 2.54 0.79 28.55
CA LEU A 148 2.45 1.92 27.63
C LEU A 148 2.47 1.34 26.22
N ALA A 149 1.39 1.59 25.47
CA ALA A 149 1.29 1.07 24.10
C ALA A 149 1.46 2.16 23.05
N PHE A 150 2.37 1.92 22.13
CA PHE A 150 2.62 2.85 21.04
C PHE A 150 2.29 2.16 19.72
N LEU A 151 1.51 2.83 18.87
CA LEU A 151 1.20 2.28 17.57
C LEU A 151 2.28 2.66 16.58
N VAL A 152 2.55 1.77 15.64
CA VAL A 152 3.58 1.99 14.63
C VAL A 152 2.98 2.08 13.23
N GLU A 153 3.23 3.20 12.56
CA GLU A 153 2.73 3.45 11.21
C GLU A 153 3.85 3.21 10.19
N ALA A 154 3.55 2.44 9.15
CA ALA A 154 4.52 2.18 8.08
C ALA A 154 4.56 3.33 7.09
N GLY A 155 5.77 3.69 6.67
CA GLY A 155 5.96 4.72 5.66
C GLY A 155 7.30 4.61 4.95
N THR A 156 7.81 5.74 4.48
CA THR A 156 9.11 5.79 3.82
C THR A 156 10.15 6.53 4.65
N GLN A 157 9.75 7.01 5.82
CA GLN A 157 10.65 7.70 6.73
C GLN A 157 11.48 6.66 7.50
N VAL A 158 12.80 6.73 7.34
CA VAL A 158 13.70 5.85 8.08
C VAL A 158 13.81 6.42 9.47
N ASN A 159 13.57 5.57 10.45
CA ASN A 159 13.59 5.97 11.84
C ASN A 159 14.96 5.55 12.35
N GLU A 160 15.85 6.52 12.46
CA GLU A 160 17.22 6.28 12.91
C GLU A 160 17.26 5.73 14.34
N GLY A 161 16.35 6.20 15.19
CA GLY A 161 16.23 5.72 16.56
C GLY A 161 16.05 4.22 16.70
N PHE A 162 15.34 3.62 15.75
CA PHE A 162 15.08 2.18 15.78
C PHE A 162 16.21 1.31 15.27
N GLN A 163 17.18 1.91 14.59
CA GLN A 163 18.22 1.14 13.92
C GLN A 163 19.00 0.17 14.83
N PRO A 164 19.47 0.64 16.01
CA PRO A 164 20.12 -0.31 16.92
C PRO A 164 19.28 -1.57 17.21
N LEU A 165 17.98 -1.40 17.42
CA LEU A 165 17.09 -2.53 17.61
C LEU A 165 16.93 -3.38 16.36
N VAL A 166 16.67 -2.72 15.22
CA VAL A 166 16.46 -3.43 13.97
C VAL A 166 17.70 -4.23 13.54
N GLU A 167 18.89 -3.65 13.72
CA GLU A 167 20.14 -4.35 13.41
C GLU A 167 20.43 -5.57 14.33
N ALA A 168 20.00 -5.49 15.58
CA ALA A 168 20.20 -6.55 16.55
C ALA A 168 19.40 -7.79 16.19
N LEU A 169 18.28 -7.60 15.47
CA LEU A 169 17.35 -8.70 15.17
C LEU A 169 18.03 -9.88 14.47
N SER A 170 19.00 -9.59 13.61
CA SER A 170 19.75 -10.61 12.86
C SER A 170 20.47 -11.59 13.78
N ASN A 171 20.73 -11.16 15.01
CA ASN A 171 21.56 -11.93 15.94
C ASN A 171 20.77 -12.84 16.85
N ILE A 172 19.45 -12.69 16.81
CA ILE A 172 18.56 -13.47 17.70
C ILE A 172 17.41 -14.17 16.95
N PRO A 173 17.72 -14.89 15.85
CA PRO A 173 16.67 -15.51 15.03
C PRO A 173 15.80 -16.54 15.77
N LYS A 174 16.38 -17.26 16.72
CA LYS A 174 15.71 -18.37 17.37
C LYS A 174 15.35 -18.05 18.81
N PRO A 175 14.28 -18.68 19.33
CA PRO A 175 13.91 -18.45 20.74
C PRO A 175 15.05 -18.76 21.73
N GLU A 176 15.04 -18.00 22.83
CA GLU A 176 16.03 -18.08 23.91
C GLU A 176 17.41 -17.51 23.55
N MET A 177 17.56 -16.94 22.37
CA MET A 177 18.79 -16.25 22.01
C MET A 177 18.75 -14.78 22.46
N SER A 178 19.89 -14.27 22.94
CA SER A 178 20.00 -12.89 23.43
C SER A 178 21.20 -12.19 22.81
N THR A 179 21.12 -10.87 22.69
CA THR A 179 22.25 -10.08 22.18
C THR A 179 22.27 -8.70 22.82
N THR A 180 23.30 -7.93 22.56
CA THR A 180 23.43 -6.58 23.09
C THR A 180 23.27 -5.59 21.96
N MET A 181 22.34 -4.66 22.14
CA MET A 181 22.13 -3.59 21.17
C MET A 181 23.20 -2.50 21.29
N ALA A 182 23.51 -1.84 20.18
CA ALA A 182 24.39 -0.67 20.20
C ALA A 182 23.75 0.44 21.04
N GLU A 183 24.58 1.35 21.53
CA GLU A 183 24.13 2.48 22.33
C GLU A 183 22.81 3.07 21.81
N SER A 184 21.84 3.26 22.70
CA SER A 184 20.54 3.81 22.35
C SER A 184 19.73 4.14 23.62
N SER A 185 18.73 5.00 23.50
CA SER A 185 17.87 5.36 24.64
C SER A 185 16.46 4.90 24.35
N LEU A 186 15.60 4.88 25.36
CA LEU A 186 14.21 4.53 25.11
C LEU A 186 13.50 5.61 24.26
N LEU A 187 13.84 6.88 24.48
CA LEU A 187 13.28 7.99 23.69
C LEU A 187 13.55 7.86 22.19
N ASP A 188 14.68 7.22 21.83
CA ASP A 188 15.03 6.92 20.43
C ASP A 188 13.91 6.14 19.73
N LEU A 189 13.17 5.38 20.52
CA LEU A 189 12.14 4.45 20.03
C LEU A 189 10.74 5.07 20.00
N LEU A 190 10.61 6.25 20.62
CA LEU A 190 9.30 6.84 20.86
C LEU A 190 9.04 8.04 19.96
N PRO A 191 7.75 8.43 19.81
CA PRO A 191 7.49 9.73 19.18
C PRO A 191 8.11 10.84 20.04
N LYS A 192 8.19 12.05 19.48
CA LYS A 192 8.69 13.20 20.24
C LYS A 192 7.84 13.42 21.49
N GLU A 193 8.51 13.63 22.62
CA GLU A 193 7.86 13.65 23.92
C GLU A 193 6.62 14.56 23.99
N GLU A 194 6.72 15.74 23.38
CA GLU A 194 5.63 16.72 23.39
C GLU A 194 4.34 16.18 22.74
N LYS A 195 4.50 15.21 21.84
CA LYS A 195 3.35 14.62 21.14
C LYS A 195 2.66 13.53 21.94
N LEU A 196 3.16 13.23 23.13
CA LEU A 196 2.62 12.17 23.96
C LEU A 196 1.65 12.67 25.03
N ARG A 197 1.07 13.84 24.83
CA ARG A 197 0.12 14.40 25.79
C ARG A 197 -1.27 13.79 25.61
N HIS A 198 -1.56 13.33 24.39
CA HIS A 198 -2.84 12.72 24.03
C HIS A 198 -2.74 11.20 24.07
N TYR A 199 -3.47 10.61 25.00
CA TYR A 199 -3.54 9.17 25.15
C TYR A 199 -4.91 8.72 25.65
N PHE A 200 -5.18 7.44 25.42
CA PHE A 200 -6.37 6.75 25.90
C PHE A 200 -5.97 5.87 27.08
N ARG A 201 -6.92 5.66 27.99
CA ARG A 201 -6.69 4.95 29.25
C ARG A 201 -7.87 4.03 29.53
N TYR A 202 -7.59 2.77 29.87
CA TYR A 202 -8.62 1.83 30.35
C TYR A 202 -7.96 0.72 31.16
N LEU A 203 -8.78 -0.08 31.85
CA LEU A 203 -8.29 -1.20 32.66
C LEU A 203 -8.53 -2.51 31.93
N GLY A 204 -7.51 -3.37 31.91
CA GLY A 204 -7.65 -4.64 31.20
C GLY A 204 -6.71 -5.72 31.68
N SER A 205 -6.24 -6.50 30.71
CA SER A 205 -5.45 -7.69 30.97
C SER A 205 -4.14 -7.66 30.18
N LEU A 206 -3.25 -8.56 30.53
CA LEU A 206 -2.09 -8.87 29.71
C LEU A 206 -2.59 -9.59 28.46
N THR A 207 -1.86 -9.49 27.36
CA THR A 207 -2.39 -10.03 26.11
C THR A 207 -1.81 -11.39 25.70
N THR A 208 -1.04 -12.02 26.59
CA THR A 208 -0.60 -13.43 26.42
C THR A 208 -0.91 -14.20 27.71
N PRO A 209 -1.10 -15.53 27.62
CA PRO A 209 -1.43 -16.28 28.84
C PRO A 209 -0.42 -16.02 29.98
N THR A 210 -0.86 -15.87 31.22
CA THR A 210 -2.23 -16.17 31.70
C THR A 210 -3.23 -14.99 31.61
N CYS A 211 -2.90 -13.94 30.86
CA CYS A 211 -3.84 -12.84 30.62
C CYS A 211 -4.42 -12.27 31.91
N ASP A 212 -3.57 -12.03 32.91
CA ASP A 212 -4.03 -11.54 34.22
C ASP A 212 -4.65 -10.16 34.07
N GLU A 213 -5.78 -9.96 34.76
CA GLU A 213 -6.52 -8.71 34.68
C GLU A 213 -5.97 -7.75 35.71
N LYS A 214 -4.77 -7.25 35.44
CA LYS A 214 -4.08 -6.39 36.39
C LYS A 214 -3.33 -5.26 35.70
N VAL A 215 -3.75 -4.93 34.49
CA VAL A 215 -3.10 -3.92 33.69
C VAL A 215 -3.94 -2.63 33.62
N VAL A 216 -3.27 -1.53 33.92
CA VAL A 216 -3.74 -0.23 33.50
C VAL A 216 -3.07 0.13 32.17
N TRP A 217 -3.91 0.26 31.16
CA TRP A 217 -3.46 0.47 29.79
C TRP A 217 -3.37 1.94 29.43
N THR A 218 -2.34 2.30 28.67
CA THR A 218 -2.25 3.60 28.03
C THR A 218 -1.96 3.36 26.56
N VAL A 219 -2.77 3.95 25.68
CA VAL A 219 -2.54 3.84 24.25
C VAL A 219 -2.37 5.25 23.75
N PHE A 220 -1.17 5.56 23.27
CA PHE A 220 -0.89 6.92 22.82
C PHE A 220 -1.50 7.16 21.44
N ARG A 221 -2.02 8.37 21.24
CA ARG A 221 -2.64 8.74 19.97
C ARG A 221 -1.61 8.88 18.85
N GLU A 222 -0.44 9.43 19.18
CA GLU A 222 0.61 9.69 18.20
C GLU A 222 1.38 8.40 17.82
N PRO A 223 1.35 8.02 16.52
CA PRO A 223 2.08 6.84 16.08
C PRO A 223 3.58 7.08 15.93
N ILE A 224 4.36 6.01 16.11
CA ILE A 224 5.75 5.97 15.71
C ILE A 224 5.77 5.74 14.18
N GLN A 225 6.60 6.51 13.49
CA GLN A 225 6.82 6.32 12.05
C GLN A 225 8.03 5.41 11.84
N LEU A 226 7.81 4.28 11.17
CA LEU A 226 8.90 3.37 10.79
C LEU A 226 8.80 3.06 9.32
N HIS A 227 9.94 2.94 8.67
CA HIS A 227 10.01 2.60 7.25
C HIS A 227 9.46 1.18 7.07
N ARG A 228 8.73 0.93 5.98
CA ARG A 228 8.19 -0.41 5.70
C ARG A 228 9.24 -1.52 5.84
N GLU A 229 10.44 -1.26 5.35
CA GLU A 229 11.49 -2.26 5.42
C GLU A 229 12.09 -2.47 6.81
N GLN A 230 12.02 -1.45 7.67
CA GLN A 230 12.39 -1.60 9.08
C GLN A 230 11.36 -2.50 9.77
N ILE A 231 10.08 -2.35 9.42
CA ILE A 231 9.03 -3.23 9.98
C ILE A 231 9.18 -4.65 9.45
N LEU A 232 9.49 -4.79 8.17
CA LEU A 232 9.65 -6.10 7.56
C LEU A 232 10.83 -6.88 8.14
N ALA A 233 11.84 -6.16 8.63
CA ALA A 233 13.00 -6.79 9.24
C ALA A 233 12.61 -7.73 10.38
N PHE A 234 11.52 -7.41 11.08
CA PHE A 234 11.06 -8.24 12.19
C PHE A 234 10.61 -9.62 11.69
N SER A 235 9.71 -9.66 10.71
CA SER A 235 9.30 -10.95 10.13
C SER A 235 10.40 -11.62 9.30
N GLN A 236 11.33 -10.82 8.77
CA GLN A 236 12.43 -11.40 7.97
C GLN A 236 13.53 -12.03 8.82
N LYS A 237 13.78 -11.51 10.02
CA LYS A 237 14.92 -11.98 10.79
C LYS A 237 14.61 -12.91 11.95
N LEU A 238 13.34 -12.97 12.35
CA LEU A 238 12.93 -13.68 13.55
C LEU A 238 12.06 -14.91 13.27
N TYR A 239 12.17 -15.89 14.16
CA TYR A 239 11.37 -17.10 14.08
C TYR A 239 10.75 -17.44 15.43
N TYR A 240 9.59 -18.08 15.35
CA TYR A 240 8.89 -18.62 16.51
C TYR A 240 9.58 -19.84 17.13
N ASP A 241 10.26 -20.60 16.32
CA ASP A 241 10.86 -21.83 16.74
C ASP A 241 12.33 -21.99 16.38
N LYS A 242 13.02 -22.81 17.16
CA LYS A 242 14.40 -23.11 16.84
C LYS A 242 14.62 -23.81 15.49
N GLU A 243 13.62 -24.53 14.93
CA GLU A 243 13.66 -25.14 13.62
C GLU A 243 13.52 -24.13 12.43
N GLN A 244 13.19 -22.88 12.77
CA GLN A 244 13.02 -21.84 11.80
C GLN A 244 12.05 -22.21 10.72
N THR A 245 10.90 -22.75 11.11
CA THR A 245 9.89 -23.15 10.14
C THR A 245 8.79 -22.09 9.97
N VAL A 246 8.60 -21.26 11.00
CA VAL A 246 7.56 -20.24 11.01
C VAL A 246 8.17 -18.89 11.37
N SER A 247 8.23 -17.98 10.40
CA SER A 247 8.75 -16.64 10.64
C SER A 247 7.86 -15.94 11.68
N MET A 248 8.49 -15.17 12.58
CA MET A 248 7.74 -14.47 13.63
C MET A 248 7.02 -13.26 13.07
N LYS A 249 5.69 -13.36 13.04
CA LYS A 249 4.81 -12.29 12.59
C LYS A 249 3.40 -12.71 13.03
N ASP A 250 2.47 -11.77 12.97
CA ASP A 250 1.08 -12.01 13.43
C ASP A 250 1.04 -12.54 14.86
N ASN A 251 2.01 -12.12 15.67
CA ASN A 251 2.01 -12.37 17.10
C ASN A 251 1.05 -11.40 17.81
N VAL A 252 -0.21 -11.50 17.42
CA VAL A 252 -1.26 -10.56 17.81
C VAL A 252 -2.47 -11.33 18.37
N ARG A 253 -2.90 -10.96 19.56
CA ARG A 253 -4.14 -11.49 20.10
C ARG A 253 -5.34 -10.81 19.41
N PRO A 254 -6.37 -11.60 19.01
CA PRO A 254 -7.59 -10.99 18.46
C PRO A 254 -8.26 -10.03 19.45
N LEU A 255 -9.08 -9.12 18.92
CA LEU A 255 -9.78 -8.12 19.73
C LEU A 255 -10.76 -8.75 20.71
N GLN A 256 -10.82 -8.14 21.89
CA GLN A 256 -11.74 -8.53 22.97
C GLN A 256 -12.86 -7.50 23.14
N GLN A 257 -13.95 -7.90 23.77
CA GLN A 257 -15.06 -6.98 24.00
C GLN A 257 -14.81 -6.07 25.20
N LEU A 258 -15.14 -4.79 25.03
CA LEU A 258 -15.01 -3.83 26.11
C LEU A 258 -15.92 -4.21 27.28
N GLY A 259 -17.10 -4.71 26.96
CA GLY A 259 -18.10 -5.06 27.97
C GLY A 259 -18.60 -3.79 28.64
N GLN A 260 -18.65 -3.79 29.97
CA GLN A 260 -19.20 -2.65 30.71
C GLN A 260 -18.13 -1.64 31.16
N ARG A 261 -16.88 -1.88 30.76
CA ARG A 261 -15.77 -0.97 31.01
C ARG A 261 -15.92 0.36 30.29
N THR A 262 -15.18 1.36 30.78
CA THR A 262 -15.12 2.69 30.19
C THR A 262 -13.69 3.02 29.74
N VAL A 263 -13.57 3.64 28.57
CA VAL A 263 -12.31 4.19 28.09
C VAL A 263 -12.33 5.72 28.25
N ILE A 264 -11.28 6.26 28.85
CA ILE A 264 -11.12 7.71 28.98
C ILE A 264 -9.91 8.17 28.19
N LYS A 265 -9.79 9.48 28.00
CA LYS A 265 -8.63 10.05 27.31
C LYS A 265 -8.21 11.36 27.97
N SER A 266 -6.96 11.75 27.77
CA SER A 266 -6.44 13.01 28.25
C SER A 266 -6.93 14.18 27.40
N HIS B 4 32.82 -13.91 -5.43
CA HIS B 4 33.28 -12.50 -5.50
C HIS B 4 32.22 -11.54 -6.05
N TRP B 5 31.53 -11.92 -7.13
CA TRP B 5 30.43 -11.08 -7.59
C TRP B 5 29.27 -11.11 -6.61
N CYS B 6 28.55 -10.00 -6.50
CA CYS B 6 27.40 -9.92 -5.61
C CYS B 6 26.36 -8.95 -6.15
N TYR B 7 25.20 -8.93 -5.49
CA TYR B 7 24.26 -7.85 -5.69
C TYR B 7 24.56 -6.69 -4.73
N GLU B 8 24.09 -5.49 -5.08
CA GLU B 8 24.34 -4.30 -4.27
C GLU B 8 23.95 -4.47 -2.78
N VAL B 9 22.77 -5.04 -2.54
CA VAL B 9 22.28 -5.27 -1.17
C VAL B 9 23.26 -6.11 -0.33
N GLN B 10 23.95 -7.05 -0.96
CA GLN B 10 24.97 -7.83 -0.25
C GLN B 10 26.13 -6.97 0.24
N ALA B 11 26.70 -6.15 -0.66
CA ALA B 11 27.77 -5.21 -0.32
C ALA B 11 27.38 -4.25 0.80
N GLU B 12 26.11 -3.85 0.81
CA GLU B 12 25.61 -2.90 1.81
C GLU B 12 25.38 -3.52 3.18
N SER B 13 24.94 -4.77 3.18
CA SER B 13 24.56 -5.47 4.42
C SER B 13 25.75 -6.22 5.02
N SER B 14 26.90 -6.16 4.35
CA SER B 14 28.04 -6.97 4.74
C SER B 14 29.36 -6.20 4.74
N ASN B 15 30.30 -6.63 5.58
CA ASN B 15 31.67 -6.11 5.56
C ASN B 15 32.56 -6.88 4.58
N TYR B 16 32.12 -8.09 4.21
CA TYR B 16 32.78 -8.91 3.20
C TYR B 16 32.79 -8.20 1.85
N PRO B 17 33.99 -7.87 1.32
CA PRO B 17 34.14 -7.13 0.06
C PRO B 17 33.80 -7.99 -1.15
N CYS B 18 32.98 -7.44 -2.05
CA CYS B 18 32.49 -8.19 -3.20
C CYS B 18 32.23 -7.26 -4.38
N LEU B 19 32.20 -7.81 -5.60
CA LEU B 19 31.97 -7.02 -6.82
C LEU B 19 30.48 -6.74 -7.06
N VAL B 20 30.09 -5.48 -6.87
CA VAL B 20 28.71 -5.06 -7.09
C VAL B 20 28.36 -5.04 -8.59
N PRO B 21 27.05 -5.06 -8.92
CA PRO B 21 26.66 -5.26 -10.32
C PRO B 21 27.25 -4.24 -11.31
N VAL B 22 27.34 -2.97 -10.93
CA VAL B 22 27.91 -1.95 -11.83
C VAL B 22 29.41 -2.21 -12.13
N LYS B 23 30.05 -3.00 -11.28
CA LYS B 23 31.47 -3.31 -11.44
C LYS B 23 31.74 -4.69 -12.05
N TRP B 24 30.72 -5.51 -12.25
CA TRP B 24 30.90 -6.81 -12.82
C TRP B 24 31.71 -6.72 -14.11
N GLY B 25 32.59 -7.70 -14.32
CA GLY B 25 33.43 -7.68 -15.48
C GLY B 25 33.17 -8.66 -16.60
N GLY B 26 34.21 -8.90 -17.38
CA GLY B 26 34.15 -9.86 -18.45
C GLY B 26 33.03 -9.58 -19.41
N ASN B 27 32.26 -10.58 -19.78
CA ASN B 27 31.17 -10.39 -20.72
C ASN B 27 30.10 -9.36 -20.27
N CYS B 28 29.98 -9.12 -18.98
CA CYS B 28 29.06 -8.10 -18.46
C CYS B 28 29.38 -6.69 -19.00
N GLN B 29 30.57 -6.50 -19.57
CA GLN B 29 31.00 -5.21 -20.13
C GLN B 29 30.59 -5.03 -21.59
N LYS B 30 29.97 -6.04 -22.19
CA LYS B 30 29.61 -5.97 -23.62
C LYS B 30 28.31 -5.18 -23.84
N ASP B 31 27.90 -4.98 -25.09
CA ASP B 31 26.76 -4.06 -25.35
C ASP B 31 25.42 -4.69 -25.77
N ARG B 32 25.25 -5.99 -25.49
CA ARG B 32 23.96 -6.65 -25.73
C ARG B 32 23.48 -7.36 -24.45
N GLN B 33 23.38 -6.57 -23.38
CA GLN B 33 23.10 -7.10 -22.05
C GLN B 33 21.63 -7.04 -21.64
N SER B 34 21.29 -7.81 -20.62
CA SER B 34 19.95 -7.88 -20.05
C SER B 34 20.06 -7.67 -18.53
N PRO B 35 18.98 -7.19 -17.88
CA PRO B 35 17.63 -6.92 -18.38
C PRO B 35 17.54 -5.53 -19.00
N ILE B 36 16.39 -5.23 -19.60
CA ILE B 36 16.14 -3.94 -20.20
C ILE B 36 14.77 -3.42 -19.77
N ASN B 37 14.56 -2.12 -20.01
CA ASN B 37 13.23 -1.56 -19.99
C ASN B 37 12.61 -1.73 -21.38
N ILE B 38 11.40 -2.28 -21.44
CA ILE B 38 10.67 -2.43 -22.69
C ILE B 38 9.65 -1.28 -22.86
N VAL B 39 9.87 -0.42 -23.86
CA VAL B 39 8.89 0.62 -24.20
C VAL B 39 7.86 -0.09 -25.10
N THR B 40 6.70 -0.42 -24.52
CA THR B 40 5.78 -1.34 -25.17
C THR B 40 5.26 -0.87 -26.53
N THR B 41 4.99 0.44 -26.67
CA THR B 41 4.55 0.99 -27.95
C THR B 41 5.67 1.07 -29.01
N LYS B 42 6.92 0.94 -28.59
CA LYS B 42 8.05 0.93 -29.55
C LYS B 42 8.45 -0.46 -30.04
N ALA B 43 7.90 -1.51 -29.43
CA ALA B 43 8.16 -2.88 -29.88
C ALA B 43 7.23 -3.21 -31.06
N LYS B 44 7.83 -3.52 -32.21
CA LYS B 44 7.07 -3.82 -33.42
C LYS B 44 6.46 -5.22 -33.40
N VAL B 45 5.25 -5.36 -33.91
CA VAL B 45 4.64 -6.68 -34.05
C VAL B 45 5.38 -7.47 -35.13
N ASP B 46 5.73 -8.71 -34.80
CA ASP B 46 6.24 -9.67 -35.76
C ASP B 46 5.27 -10.85 -35.83
N LYS B 47 4.66 -11.05 -37.01
CA LYS B 47 3.67 -12.12 -37.19
C LYS B 47 4.30 -13.52 -37.14
N LYS B 48 5.60 -13.62 -37.38
CA LYS B 48 6.32 -14.89 -37.25
C LYS B 48 6.44 -15.38 -35.80
N LEU B 49 6.14 -14.51 -34.84
CA LEU B 49 6.10 -14.92 -33.44
C LEU B 49 4.76 -15.59 -33.10
N GLY B 50 4.75 -16.92 -33.17
CA GLY B 50 3.55 -17.71 -32.94
C GLY B 50 3.45 -18.24 -31.53
N ARG B 51 2.46 -19.09 -31.29
CA ARG B 51 2.24 -19.69 -29.97
C ARG B 51 3.39 -20.60 -29.57
N PHE B 52 3.61 -20.71 -28.26
CA PHE B 52 4.54 -21.70 -27.72
C PHE B 52 3.87 -23.04 -27.60
N PHE B 53 4.66 -24.11 -27.75
CA PHE B 53 4.25 -25.45 -27.39
C PHE B 53 5.05 -25.92 -26.16
N PHE B 54 4.33 -26.20 -25.08
CA PHE B 54 4.96 -26.64 -23.85
C PHE B 54 4.86 -28.16 -23.76
N SER B 55 5.97 -28.78 -23.41
CA SER B 55 5.98 -30.22 -23.20
C SER B 55 6.50 -30.51 -21.80
N GLY B 56 5.77 -31.31 -21.04
CA GLY B 56 6.15 -31.64 -19.67
C GLY B 56 5.76 -30.60 -18.63
N TYR B 57 5.02 -29.58 -19.06
CA TYR B 57 4.61 -28.49 -18.19
C TYR B 57 3.33 -28.83 -17.39
N ASP B 58 2.55 -29.78 -17.89
CA ASP B 58 1.26 -30.12 -17.27
C ASP B 58 1.38 -31.21 -16.20
N LYS B 59 2.42 -32.04 -16.33
CA LYS B 59 2.67 -33.21 -15.49
C LYS B 59 3.05 -32.83 -14.05
N LYS B 60 2.33 -33.44 -13.10
CA LYS B 60 2.64 -33.28 -11.68
C LYS B 60 3.92 -34.03 -11.33
N GLN B 61 4.88 -33.32 -10.79
CA GLN B 61 6.19 -33.86 -10.45
C GLN B 61 6.52 -33.42 -9.03
N THR B 62 7.34 -34.20 -8.33
CA THR B 62 8.02 -33.68 -7.15
C THR B 62 9.34 -33.12 -7.68
N TRP B 63 9.66 -31.89 -7.32
CA TRP B 63 10.83 -31.22 -7.88
C TRP B 63 11.87 -31.00 -6.81
N THR B 64 13.14 -31.06 -7.21
CA THR B 64 14.23 -30.63 -6.35
C THR B 64 14.34 -29.11 -6.47
N VAL B 65 14.39 -28.45 -5.32
CA VAL B 65 14.59 -27.00 -5.28
C VAL B 65 15.71 -26.71 -4.28
N GLN B 66 16.57 -25.74 -4.63
CA GLN B 66 17.73 -25.41 -3.81
C GLN B 66 18.04 -23.92 -3.75
N ASN B 67 18.75 -23.53 -2.69
CA ASN B 67 19.25 -22.18 -2.50
C ASN B 67 20.69 -22.19 -2.98
N ASN B 68 20.99 -21.42 -4.03
CA ASN B 68 22.34 -21.39 -4.60
C ASN B 68 23.13 -20.15 -4.16
N GLY B 69 22.57 -19.42 -3.21
CA GLY B 69 23.21 -18.19 -2.70
C GLY B 69 22.87 -16.94 -3.51
N HIS B 70 22.09 -17.09 -4.58
CA HIS B 70 21.77 -15.94 -5.44
C HIS B 70 20.28 -15.86 -5.67
N SER B 71 19.65 -17.03 -5.56
CA SER B 71 18.24 -17.24 -5.83
C SER B 71 17.82 -18.59 -5.24
N VAL B 72 16.56 -18.92 -5.43
CA VAL B 72 16.03 -20.26 -5.21
C VAL B 72 15.76 -20.86 -6.60
N MET B 73 16.18 -22.11 -6.80
CA MET B 73 16.21 -22.70 -8.13
C MET B 73 15.65 -24.11 -8.11
N MET B 74 14.59 -24.32 -8.90
CA MET B 74 14.02 -25.65 -9.16
C MET B 74 14.80 -26.32 -10.28
N LEU B 75 15.16 -27.59 -10.09
CA LEU B 75 15.89 -28.34 -11.07
C LEU B 75 14.94 -29.04 -12.03
N LEU B 76 15.11 -28.78 -13.37
CA LEU B 76 14.10 -29.30 -14.29
C LEU B 76 14.61 -30.47 -15.15
N GLU B 77 15.94 -30.63 -15.17
CA GLU B 77 16.61 -31.84 -15.67
C GLU B 77 16.05 -32.41 -16.98
N ASN B 78 15.69 -31.61 -17.87
CA ASN B 78 15.07 -32.13 -19.07
C ASN B 78 13.70 -32.87 -18.90
N LYS B 79 12.96 -32.61 -17.79
CA LYS B 79 11.62 -33.10 -17.58
C LYS B 79 10.59 -32.24 -18.37
N ALA B 80 11.04 -31.16 -18.98
CA ALA B 80 10.24 -30.28 -19.72
C ALA B 80 11.01 -29.67 -20.88
N SER B 81 10.24 -29.15 -21.80
CA SER B 81 10.79 -28.55 -23.02
C SER B 81 9.78 -27.64 -23.70
N ILE B 82 10.28 -26.81 -24.62
CA ILE B 82 9.44 -25.87 -25.36
C ILE B 82 9.80 -25.87 -26.85
N SER B 83 8.81 -25.55 -27.68
CA SER B 83 9.01 -25.26 -29.10
C SER B 83 8.04 -24.16 -29.48
N GLY B 84 8.08 -23.74 -30.75
CA GLY B 84 7.25 -22.62 -31.20
C GLY B 84 7.76 -21.30 -30.66
N GLY B 85 6.87 -20.32 -30.53
CA GLY B 85 7.25 -18.99 -30.04
C GLY B 85 8.32 -18.30 -30.86
N GLY B 86 8.27 -18.52 -32.18
CA GLY B 86 9.27 -17.99 -33.09
C GLY B 86 10.69 -18.46 -32.81
N LEU B 87 10.82 -19.52 -32.01
CA LEU B 87 12.12 -20.13 -31.70
C LEU B 87 12.62 -21.00 -32.87
N PRO B 88 13.95 -21.01 -33.12
CA PRO B 88 14.54 -21.73 -34.26
C PRO B 88 14.62 -23.26 -34.09
N ALA B 89 14.46 -23.73 -32.86
CA ALA B 89 14.69 -25.13 -32.48
C ALA B 89 13.90 -25.41 -31.20
N PRO B 90 13.70 -26.70 -30.84
CA PRO B 90 13.21 -26.97 -29.48
C PRO B 90 14.28 -26.65 -28.43
N TYR B 91 13.86 -26.33 -27.21
CA TYR B 91 14.79 -26.05 -26.11
C TYR B 91 14.42 -26.90 -24.91
N GLN B 92 15.41 -27.43 -24.22
CA GLN B 92 15.16 -28.25 -23.03
C GLN B 92 15.22 -27.41 -21.76
N ALA B 93 14.27 -27.63 -20.86
CA ALA B 93 14.21 -26.88 -19.61
C ALA B 93 15.28 -27.37 -18.64
N LYS B 94 16.04 -26.44 -18.07
CA LYS B 94 17.15 -26.77 -17.19
C LYS B 94 16.84 -26.40 -15.75
N GLN B 95 16.35 -25.18 -15.57
CA GLN B 95 16.00 -24.72 -14.23
C GLN B 95 15.04 -23.54 -14.25
N LEU B 96 14.40 -23.33 -13.11
CA LEU B 96 13.51 -22.20 -12.89
C LEU B 96 13.96 -21.51 -11.60
N HIS B 97 14.12 -20.19 -11.66
CA HIS B 97 14.50 -19.44 -10.47
C HIS B 97 13.78 -18.10 -10.50
N LEU B 98 13.97 -17.31 -9.44
CA LEU B 98 13.25 -16.05 -9.31
C LEU B 98 14.14 -14.92 -8.82
N HIS B 99 13.66 -13.71 -9.05
CA HIS B 99 14.26 -12.47 -8.57
C HIS B 99 13.14 -11.70 -7.87
N TRP B 100 13.45 -10.97 -6.81
CA TRP B 100 12.37 -10.33 -6.04
C TRP B 100 12.90 -9.27 -5.09
N SER B 101 11.97 -8.51 -4.51
CA SER B 101 12.28 -7.58 -3.43
C SER B 101 11.24 -7.82 -2.35
N ASP B 102 11.04 -6.85 -1.46
CA ASP B 102 10.01 -6.95 -0.42
C ASP B 102 9.05 -5.75 -0.45
N LEU B 103 9.11 -4.98 -1.55
CA LEU B 103 8.19 -3.87 -1.77
C LEU B 103 7.54 -4.10 -3.14
N PRO B 104 6.23 -3.80 -3.28
CA PRO B 104 5.46 -4.20 -4.48
C PRO B 104 5.87 -3.56 -5.81
N TYR B 105 6.55 -2.42 -5.75
CA TYR B 105 6.89 -1.64 -6.94
C TYR B 105 8.26 -1.97 -7.50
N LYS B 106 8.92 -2.96 -6.91
CA LYS B 106 10.21 -3.40 -7.38
C LYS B 106 10.41 -4.88 -7.06
N GLY B 107 11.43 -5.47 -7.68
CA GLY B 107 11.67 -6.90 -7.56
C GLY B 107 11.93 -7.58 -8.89
N SER B 108 11.37 -7.04 -9.97
CA SER B 108 11.59 -7.64 -11.28
C SER B 108 12.88 -7.09 -11.89
N GLU B 109 13.43 -7.85 -12.84
CA GLU B 109 14.61 -7.42 -13.56
C GLU B 109 14.24 -6.56 -14.76
N HIS B 110 13.32 -7.05 -15.58
CA HIS B 110 12.79 -6.22 -16.67
C HIS B 110 11.75 -5.24 -16.13
N SER B 111 11.53 -4.19 -16.91
CA SER B 111 10.42 -3.30 -16.64
C SER B 111 9.62 -3.08 -17.93
N LEU B 112 8.34 -2.78 -17.76
CA LEU B 112 7.47 -2.44 -18.87
C LEU B 112 7.03 -0.99 -18.76
N ASP B 113 7.49 -0.15 -19.67
CA ASP B 113 7.20 1.28 -19.65
C ASP B 113 7.56 1.93 -18.31
N GLY B 114 8.66 1.48 -17.72
CA GLY B 114 9.10 2.00 -16.42
C GLY B 114 8.50 1.30 -15.22
N GLU B 115 7.51 0.43 -15.44
CA GLU B 115 6.87 -0.31 -14.36
C GLU B 115 7.67 -1.53 -14.00
N HIS B 116 8.13 -1.58 -12.75
CA HIS B 116 8.71 -2.80 -12.22
C HIS B 116 7.63 -3.58 -11.48
N PHE B 117 7.77 -4.90 -11.46
CA PHE B 117 6.82 -5.77 -10.76
C PHE B 117 7.47 -6.32 -9.48
N ALA B 118 6.68 -7.01 -8.65
CA ALA B 118 7.14 -7.49 -7.35
C ALA B 118 8.16 -8.63 -7.44
N MET B 119 8.06 -9.46 -8.47
CA MET B 119 9.05 -10.51 -8.77
C MET B 119 9.18 -10.75 -10.27
N GLU B 120 10.20 -11.51 -10.63
CA GLU B 120 10.37 -12.01 -11.97
C GLU B 120 10.83 -13.46 -11.89
N MET B 121 10.12 -14.31 -12.62
CA MET B 121 10.42 -15.72 -12.70
C MET B 121 11.07 -16.04 -14.06
N HIS B 122 12.17 -16.78 -14.02
CA HIS B 122 12.92 -17.13 -15.20
C HIS B 122 12.98 -18.65 -15.35
N ILE B 123 12.44 -19.17 -16.44
CA ILE B 123 12.58 -20.58 -16.76
C ILE B 123 13.65 -20.72 -17.85
N VAL B 124 14.80 -21.27 -17.47
CA VAL B 124 15.96 -21.29 -18.35
C VAL B 124 16.01 -22.59 -19.13
N HIS B 125 16.09 -22.45 -20.46
CA HIS B 125 16.12 -23.58 -21.41
C HIS B 125 17.36 -23.54 -22.29
N GLU B 126 17.83 -24.72 -22.70
CA GLU B 126 18.99 -24.82 -23.57
C GLU B 126 18.62 -25.38 -24.93
N LYS B 127 19.19 -24.79 -25.98
CA LYS B 127 18.93 -25.17 -27.36
C LYS B 127 19.31 -26.62 -27.64
N GLU B 128 18.43 -27.32 -28.34
CA GLU B 128 18.78 -28.64 -28.85
C GLU B 128 19.50 -28.48 -30.20
N LYS B 129 20.82 -28.58 -30.17
CA LYS B 129 21.64 -28.35 -31.36
C LYS B 129 21.86 -29.63 -32.13
N GLY B 130 22.36 -29.51 -33.37
CA GLY B 130 22.79 -30.67 -34.17
C GLY B 130 24.30 -30.79 -34.09
N THR B 131 24.90 -31.70 -34.86
CA THR B 131 26.36 -31.89 -34.82
C THR B 131 27.14 -30.78 -35.54
N ASP B 140 28.88 -21.66 -29.96
CA ASP B 140 27.59 -21.38 -29.35
C ASP B 140 26.93 -20.12 -29.93
N PRO B 141 25.65 -20.22 -30.34
CA PRO B 141 24.97 -19.09 -30.98
C PRO B 141 24.48 -18.05 -29.95
N GLU B 142 23.93 -16.95 -30.45
CA GLU B 142 23.35 -15.92 -29.60
C GLU B 142 21.97 -16.30 -29.07
N ASP B 143 21.47 -17.48 -29.47
CA ASP B 143 20.19 -18.00 -29.00
C ASP B 143 20.33 -19.40 -28.38
N GLU B 144 21.53 -19.70 -27.89
CA GLU B 144 21.86 -20.94 -27.20
C GLU B 144 20.94 -21.22 -25.99
N ILE B 145 20.60 -20.14 -25.27
CA ILE B 145 19.72 -20.23 -24.12
C ILE B 145 18.41 -19.48 -24.39
N ALA B 146 17.28 -20.11 -24.10
CA ALA B 146 16.01 -19.39 -24.12
C ALA B 146 15.52 -19.21 -22.70
N VAL B 147 15.36 -17.96 -22.27
CA VAL B 147 14.70 -17.70 -20.99
C VAL B 147 13.27 -17.22 -21.19
N LEU B 148 12.37 -17.90 -20.50
CA LEU B 148 10.99 -17.47 -20.43
C LEU B 148 10.84 -16.64 -19.15
N ALA B 149 10.51 -15.36 -19.31
CA ALA B 149 10.33 -14.48 -18.17
C ALA B 149 8.86 -14.12 -17.91
N PHE B 150 8.45 -14.34 -16.67
CA PHE B 150 7.13 -14.02 -16.19
C PHE B 150 7.24 -13.00 -15.08
N LEU B 151 6.46 -11.93 -15.19
CA LEU B 151 6.39 -10.89 -14.16
C LEU B 151 5.33 -11.29 -13.12
N VAL B 152 5.59 -10.92 -11.88
CA VAL B 152 4.70 -11.26 -10.76
C VAL B 152 4.23 -9.97 -10.10
N GLU B 153 2.90 -9.83 -9.99
CA GLU B 153 2.32 -8.72 -9.24
C GLU B 153 1.55 -9.27 -8.04
N ALA B 154 1.33 -8.42 -7.03
CA ALA B 154 0.51 -8.83 -5.89
C ALA B 154 -0.95 -8.98 -6.31
N GLY B 155 -1.56 -10.09 -5.89
CA GLY B 155 -3.00 -10.32 -6.02
C GLY B 155 -3.67 -10.24 -4.66
N THR B 156 -5.00 -10.34 -4.64
CA THR B 156 -5.77 -10.37 -3.38
C THR B 156 -6.00 -11.81 -2.92
N GLN B 157 -5.84 -12.75 -3.86
CA GLN B 157 -6.05 -14.17 -3.63
C GLN B 157 -4.72 -14.88 -3.41
N VAL B 158 -4.74 -15.97 -2.64
CA VAL B 158 -3.60 -16.89 -2.58
C VAL B 158 -3.51 -17.69 -3.89
N ASN B 159 -2.34 -17.68 -4.51
CA ASN B 159 -2.07 -18.52 -5.69
C ASN B 159 -1.73 -19.93 -5.20
N GLU B 160 -2.71 -20.83 -5.22
CA GLU B 160 -2.53 -22.19 -4.69
C GLU B 160 -1.44 -22.95 -5.42
N GLY B 161 -1.23 -22.63 -6.69
CA GLY B 161 -0.22 -23.27 -7.53
C GLY B 161 1.19 -23.09 -7.00
N PHE B 162 1.43 -21.95 -6.36
CA PHE B 162 2.72 -21.61 -5.80
C PHE B 162 2.96 -22.16 -4.41
N GLN B 163 1.93 -22.70 -3.79
CA GLN B 163 2.08 -23.17 -2.42
C GLN B 163 3.16 -24.25 -2.20
N PRO B 164 3.25 -25.27 -3.07
CA PRO B 164 4.36 -26.22 -2.85
C PRO B 164 5.76 -25.59 -2.84
N LEU B 165 6.02 -24.62 -3.70
CA LEU B 165 7.29 -23.93 -3.71
C LEU B 165 7.50 -23.08 -2.46
N VAL B 166 6.54 -22.23 -2.17
CA VAL B 166 6.60 -21.38 -0.97
C VAL B 166 6.83 -22.24 0.27
N GLU B 167 6.11 -23.33 0.36
CA GLU B 167 6.25 -24.23 1.49
C GLU B 167 7.64 -24.90 1.58
N ALA B 168 8.30 -25.11 0.47
CA ALA B 168 9.59 -25.74 0.49
C ALA B 168 10.69 -24.85 1.00
N LEU B 169 10.51 -23.56 0.87
CA LEU B 169 11.55 -22.62 1.24
C LEU B 169 12.13 -22.74 2.66
N SER B 170 11.30 -23.10 3.62
CA SER B 170 11.75 -23.27 4.97
C SER B 170 12.82 -24.31 5.10
N ASN B 171 12.85 -25.24 4.16
CA ASN B 171 13.82 -26.31 4.16
C ASN B 171 15.15 -25.93 3.51
N ILE B 172 15.18 -24.77 2.83
CA ILE B 172 16.40 -24.32 2.15
C ILE B 172 16.84 -22.88 2.51
N PRO B 173 16.87 -22.53 3.82
CA PRO B 173 17.15 -21.14 4.17
C PRO B 173 18.52 -20.59 3.74
N LYS B 174 19.53 -21.46 3.70
CA LYS B 174 20.91 -21.00 3.42
C LYS B 174 21.45 -21.63 2.15
N PRO B 175 22.44 -21.00 1.50
CA PRO B 175 23.01 -21.55 0.26
C PRO B 175 23.54 -22.99 0.41
N GLU B 176 23.52 -23.72 -0.70
CA GLU B 176 23.91 -25.13 -0.78
C GLU B 176 22.94 -26.07 -0.07
N MET B 177 21.75 -25.58 0.26
CA MET B 177 20.71 -26.45 0.81
C MET B 177 19.75 -26.79 -0.30
N SER B 178 19.15 -27.99 -0.18
CA SER B 178 18.36 -28.60 -1.23
C SER B 178 17.24 -29.39 -0.59
N THR B 179 16.07 -29.35 -1.22
CA THR B 179 14.90 -30.08 -0.71
C THR B 179 14.00 -30.55 -1.85
N THR B 180 12.99 -31.36 -1.52
CA THR B 180 12.00 -31.84 -2.48
C THR B 180 10.70 -31.10 -2.19
N MET B 181 10.09 -30.52 -3.21
CA MET B 181 8.77 -29.91 -3.01
C MET B 181 7.65 -30.89 -3.32
N ALA B 182 6.50 -30.69 -2.69
CA ALA B 182 5.31 -31.53 -2.91
C ALA B 182 4.91 -31.56 -4.40
N GLU B 183 4.16 -32.60 -4.79
CA GLU B 183 3.71 -32.74 -6.18
C GLU B 183 3.09 -31.46 -6.75
N SER B 184 3.62 -31.04 -7.90
CA SER B 184 3.17 -29.84 -8.58
C SER B 184 3.65 -29.85 -10.03
N SER B 185 3.01 -29.04 -10.87
CA SER B 185 3.42 -28.89 -12.26
C SER B 185 3.98 -27.50 -12.49
N LEU B 186 4.57 -27.28 -13.66
CA LEU B 186 5.04 -25.94 -14.03
C LEU B 186 3.85 -25.04 -14.39
N LEU B 187 2.80 -25.64 -14.96
CA LEU B 187 1.56 -24.93 -15.28
C LEU B 187 0.86 -24.36 -14.04
N ASP B 188 1.02 -25.03 -12.89
CA ASP B 188 0.54 -24.50 -11.61
C ASP B 188 1.11 -23.12 -11.29
N LEU B 189 2.35 -22.87 -11.76
CA LEU B 189 3.08 -21.64 -11.44
C LEU B 189 2.86 -20.51 -12.45
N LEU B 190 2.20 -20.82 -13.55
CA LEU B 190 2.10 -19.87 -14.65
C LEU B 190 0.69 -19.32 -14.78
N PRO B 191 0.52 -18.21 -15.53
CA PRO B 191 -0.83 -17.79 -15.94
C PRO B 191 -1.43 -18.87 -16.85
N LYS B 192 -2.73 -18.78 -17.12
CA LYS B 192 -3.38 -19.74 -18.02
C LYS B 192 -2.75 -19.67 -19.40
N GLU B 193 -2.58 -20.84 -20.03
CA GLU B 193 -1.94 -20.95 -21.35
C GLU B 193 -2.55 -20.04 -22.40
N GLU B 194 -3.89 -19.87 -22.34
CA GLU B 194 -4.62 -18.99 -23.27
C GLU B 194 -4.10 -17.55 -23.22
N LYS B 195 -3.62 -17.13 -22.06
CA LYS B 195 -3.13 -15.78 -21.86
C LYS B 195 -1.65 -15.58 -22.19
N LEU B 196 -0.98 -16.63 -22.67
CA LEU B 196 0.45 -16.54 -23.00
C LEU B 196 0.71 -16.36 -24.50
N ARG B 197 -0.30 -15.85 -25.21
CA ARG B 197 -0.16 -15.50 -26.63
C ARG B 197 0.59 -14.18 -26.86
N HIS B 198 0.52 -13.28 -25.88
CA HIS B 198 1.17 -11.97 -25.96
C HIS B 198 2.50 -11.91 -25.21
N TYR B 199 3.58 -11.74 -25.97
CA TYR B 199 4.90 -11.64 -25.40
C TYR B 199 5.84 -10.71 -26.16
N PHE B 200 6.90 -10.31 -25.48
CA PHE B 200 7.96 -9.51 -26.08
C PHE B 200 9.17 -10.41 -26.32
N ARG B 201 9.99 -10.02 -27.29
CA ARG B 201 11.11 -10.84 -27.72
C ARG B 201 12.29 -9.93 -28.06
N TYR B 202 13.45 -10.25 -27.49
CA TYR B 202 14.70 -9.59 -27.87
C TYR B 202 15.88 -10.52 -27.60
N LEU B 203 17.04 -10.15 -28.17
CA LEU B 203 18.28 -10.88 -27.93
C LEU B 203 19.11 -10.21 -26.84
N GLY B 204 19.60 -11.00 -25.90
CA GLY B 204 20.39 -10.44 -24.82
C GLY B 204 21.32 -11.41 -24.12
N SER B 205 21.45 -11.21 -22.82
CA SER B 205 22.43 -11.92 -22.05
C SER B 205 21.83 -12.57 -20.81
N LEU B 206 22.61 -13.42 -20.17
CA LEU B 206 22.31 -13.86 -18.83
C LEU B 206 22.44 -12.66 -17.86
N THR B 207 21.67 -12.65 -16.78
CA THR B 207 21.66 -11.49 -15.86
C THR B 207 22.53 -11.63 -14.61
N THR B 208 23.35 -12.68 -14.55
CA THR B 208 24.42 -12.77 -13.56
C THR B 208 25.72 -13.15 -14.28
N PRO B 209 26.89 -12.86 -13.68
CA PRO B 209 28.14 -13.30 -14.33
C PRO B 209 28.05 -14.80 -14.63
N THR B 210 28.60 -15.24 -15.77
CA THR B 210 29.45 -14.40 -16.63
C THR B 210 28.74 -13.55 -17.71
N CYS B 211 27.42 -13.34 -17.56
CA CYS B 211 26.62 -12.47 -18.44
C CYS B 211 26.76 -12.77 -19.94
N ASP B 212 26.90 -14.05 -20.29
CA ASP B 212 27.15 -14.43 -21.69
C ASP B 212 26.03 -13.92 -22.58
N GLU B 213 26.40 -13.40 -23.75
CA GLU B 213 25.40 -12.90 -24.69
C GLU B 213 24.89 -13.99 -25.62
N LYS B 214 24.14 -14.93 -25.04
CA LYS B 214 23.63 -16.09 -25.76
C LYS B 214 22.18 -16.39 -25.39
N VAL B 215 21.44 -15.38 -24.98
CA VAL B 215 20.05 -15.56 -24.57
C VAL B 215 19.05 -14.94 -25.54
N VAL B 216 18.12 -15.78 -26.02
CA VAL B 216 16.89 -15.29 -26.61
C VAL B 216 15.85 -15.10 -25.50
N TRP B 217 15.47 -13.84 -25.26
CA TRP B 217 14.51 -13.47 -24.21
C TRP B 217 13.09 -13.49 -24.68
N THR B 218 12.21 -13.93 -23.80
CA THR B 218 10.76 -13.83 -23.99
C THR B 218 10.17 -13.27 -22.69
N VAL B 219 9.50 -12.13 -22.77
CA VAL B 219 8.88 -11.57 -21.60
C VAL B 219 7.39 -11.56 -21.83
N PHE B 220 6.66 -12.37 -21.06
CA PHE B 220 5.21 -12.47 -21.27
C PHE B 220 4.49 -11.23 -20.73
N ARG B 221 3.49 -10.76 -21.46
CA ARG B 221 2.74 -9.60 -21.05
C ARG B 221 1.81 -9.90 -19.86
N GLU B 222 1.37 -11.15 -19.73
CA GLU B 222 0.45 -11.53 -18.66
C GLU B 222 1.22 -11.85 -17.38
N PRO B 223 0.96 -11.09 -16.30
CA PRO B 223 1.63 -11.34 -15.02
C PRO B 223 0.98 -12.47 -14.23
N ILE B 224 1.80 -13.17 -13.46
CA ILE B 224 1.36 -14.07 -12.42
C ILE B 224 0.90 -13.21 -11.24
N GLN B 225 -0.20 -13.60 -10.60
CA GLN B 225 -0.63 -12.96 -9.36
C GLN B 225 -0.36 -13.84 -8.15
N LEU B 226 0.33 -13.27 -7.15
CA LEU B 226 0.55 -13.91 -5.85
C LEU B 226 0.00 -13.01 -4.77
N HIS B 227 -0.42 -13.61 -3.66
CA HIS B 227 -0.75 -12.85 -2.48
C HIS B 227 0.52 -12.13 -1.99
N ARG B 228 0.39 -10.90 -1.49
CA ARG B 228 1.55 -10.15 -0.99
C ARG B 228 2.41 -10.98 -0.04
N GLU B 229 1.75 -11.78 0.78
CA GLU B 229 2.45 -12.62 1.75
C GLU B 229 3.16 -13.83 1.15
N GLN B 230 2.70 -14.32 0.01
CA GLN B 230 3.48 -15.31 -0.75
C GLN B 230 4.76 -14.71 -1.32
N ILE B 231 4.70 -13.44 -1.75
CA ILE B 231 5.89 -12.75 -2.23
C ILE B 231 6.85 -12.51 -1.06
N LEU B 232 6.29 -12.06 0.08
CA LEU B 232 7.11 -11.78 1.24
C LEU B 232 7.79 -13.03 1.77
N ALA B 233 7.18 -14.20 1.58
CA ALA B 233 7.77 -15.47 2.04
C ALA B 233 9.22 -15.66 1.56
N PHE B 234 9.50 -15.17 0.36
CA PHE B 234 10.83 -15.32 -0.23
C PHE B 234 11.93 -14.61 0.57
N SER B 235 11.76 -13.32 0.85
CA SER B 235 12.67 -12.58 1.74
C SER B 235 12.59 -13.02 3.21
N GLN B 236 11.47 -13.58 3.64
CA GLN B 236 11.36 -14.02 5.03
C GLN B 236 12.03 -15.36 5.30
N LYS B 237 12.09 -16.22 4.28
CA LYS B 237 12.60 -17.59 4.47
C LYS B 237 14.03 -17.83 4.00
N LEU B 238 14.53 -16.97 3.13
CA LEU B 238 15.79 -17.21 2.44
C LEU B 238 16.90 -16.23 2.82
N TYR B 239 18.13 -16.73 2.79
CA TYR B 239 19.31 -15.91 3.08
C TYR B 239 20.33 -16.09 2.00
N TYR B 240 21.09 -15.02 1.74
CA TYR B 240 22.21 -15.06 0.83
C TYR B 240 23.39 -15.88 1.33
N ASP B 241 23.56 -15.87 2.63
CA ASP B 241 24.75 -16.40 3.25
C ASP B 241 24.55 -17.57 4.21
N LYS B 242 25.63 -18.34 4.36
CA LYS B 242 25.62 -19.50 5.23
C LYS B 242 25.52 -19.16 6.72
N GLU B 243 25.93 -17.95 7.10
CA GLU B 243 25.88 -17.37 8.44
C GLU B 243 24.50 -16.82 8.81
N GLN B 244 23.60 -16.78 7.82
CA GLN B 244 22.27 -16.32 7.98
C GLN B 244 22.17 -14.87 8.52
N THR B 245 22.88 -13.95 7.90
CA THR B 245 22.84 -12.56 8.35
C THR B 245 22.14 -11.62 7.36
N VAL B 246 22.11 -12.00 6.09
CA VAL B 246 21.53 -11.17 5.04
C VAL B 246 20.37 -11.90 4.38
N SER B 247 19.14 -11.45 4.66
CA SER B 247 17.95 -12.00 4.01
C SER B 247 18.03 -11.83 2.48
N MET B 248 17.54 -12.84 1.76
CA MET B 248 17.62 -12.83 0.31
C MET B 248 16.48 -12.00 -0.29
N LYS B 249 16.84 -10.87 -0.87
CA LYS B 249 15.93 -9.98 -1.60
C LYS B 249 16.79 -9.03 -2.42
N ASP B 250 16.18 -8.33 -3.37
CA ASP B 250 16.91 -7.39 -4.24
C ASP B 250 18.06 -8.08 -4.98
N ASN B 251 17.83 -9.34 -5.33
CA ASN B 251 18.72 -10.12 -6.19
C ASN B 251 18.39 -9.78 -7.65
N VAL B 252 18.65 -8.51 -7.98
CA VAL B 252 18.20 -7.90 -9.23
C VAL B 252 19.36 -7.14 -9.84
N ARG B 253 19.63 -7.43 -11.10
CA ARG B 253 20.64 -6.71 -11.85
C ARG B 253 20.02 -5.42 -12.38
N PRO B 254 20.76 -4.29 -12.28
CA PRO B 254 20.27 -3.02 -12.82
C PRO B 254 19.98 -3.12 -14.32
N LEU B 255 19.14 -2.21 -14.80
CA LEU B 255 18.78 -2.15 -16.20
C LEU B 255 19.95 -1.75 -17.08
N GLN B 256 20.00 -2.39 -18.23
CA GLN B 256 21.01 -2.19 -19.26
C GLN B 256 20.38 -1.51 -20.47
N GLN B 257 21.21 -0.90 -21.31
CA GLN B 257 20.75 -0.19 -22.49
C GLN B 257 20.61 -1.09 -23.69
N LEU B 258 19.59 -0.80 -24.50
CA LEU B 258 19.25 -1.56 -25.69
C LEU B 258 20.37 -1.53 -26.75
N GLY B 259 21.01 -0.37 -26.91
CA GLY B 259 22.02 -0.20 -27.95
C GLY B 259 21.47 -0.33 -29.35
N GLN B 260 22.05 -1.23 -30.15
CA GLN B 260 21.61 -1.41 -31.55
C GLN B 260 20.33 -2.25 -31.65
N ARG B 261 19.94 -2.86 -30.55
CA ARG B 261 18.88 -3.88 -30.59
C ARG B 261 17.47 -3.34 -30.73
N THR B 262 16.59 -4.20 -31.25
CA THR B 262 15.16 -3.92 -31.36
C THR B 262 14.43 -4.95 -30.49
N VAL B 263 13.34 -4.52 -29.87
CA VAL B 263 12.41 -5.44 -29.20
C VAL B 263 11.23 -5.63 -30.15
N ILE B 264 10.80 -6.88 -30.33
CA ILE B 264 9.62 -7.18 -31.12
C ILE B 264 8.57 -7.84 -30.23
N LYS B 265 7.38 -8.06 -30.78
CA LYS B 265 6.30 -8.68 -30.01
C LYS B 265 5.36 -9.50 -30.88
N SER B 266 4.69 -10.47 -30.25
CA SER B 266 3.69 -11.28 -30.96
C SER B 266 2.42 -10.47 -31.26
N SER C 3 23.71 16.27 8.62
CA SER C 3 23.94 17.74 8.47
C SER C 3 22.83 18.34 7.59
N HIS C 4 23.23 18.92 6.46
CA HIS C 4 22.31 19.49 5.46
C HIS C 4 21.98 18.46 4.38
N TRP C 5 20.95 18.70 3.58
CA TRP C 5 20.54 17.76 2.54
C TRP C 5 21.51 17.78 1.36
N CYS C 6 21.64 16.64 0.70
CA CYS C 6 22.50 16.52 -0.48
C CYS C 6 21.94 15.47 -1.40
N TYR C 7 22.51 15.37 -2.61
CA TYR C 7 22.19 14.26 -3.50
C TYR C 7 23.11 13.09 -3.21
N GLU C 8 22.64 11.89 -3.50
CA GLU C 8 23.42 10.69 -3.27
C GLU C 8 24.88 10.82 -3.74
N VAL C 9 25.11 11.42 -4.90
CA VAL C 9 26.46 11.54 -5.48
C VAL C 9 27.43 12.32 -4.57
N GLN C 10 26.91 13.30 -3.83
CA GLN C 10 27.72 14.11 -2.92
C GLN C 10 28.19 13.33 -1.70
N ALA C 11 27.28 12.54 -1.13
CA ALA C 11 27.60 11.69 0.01
C ALA C 11 28.65 10.64 -0.36
N GLU C 12 28.48 10.06 -1.54
CA GLU C 12 29.38 9.02 -2.04
C GLU C 12 30.72 9.58 -2.46
N SER C 13 30.80 10.89 -2.70
CA SER C 13 32.03 11.50 -3.19
C SER C 13 32.79 12.27 -2.13
N SER C 14 32.25 12.31 -0.92
CA SER C 14 32.82 13.13 0.14
C SER C 14 32.76 12.46 1.51
N ASN C 15 33.72 12.82 2.36
CA ASN C 15 33.74 12.39 3.76
C ASN C 15 32.70 13.17 4.56
N TYR C 16 32.34 14.35 4.04
CA TYR C 16 31.45 15.30 4.70
C TYR C 16 30.03 14.72 4.87
N PRO C 17 29.52 14.71 6.13
CA PRO C 17 28.18 14.18 6.41
C PRO C 17 27.07 15.05 5.83
N CYS C 18 26.06 14.41 5.24
CA CYS C 18 24.90 15.09 4.64
C CYS C 18 23.70 14.14 4.49
N LEU C 19 22.50 14.71 4.43
CA LEU C 19 21.28 13.90 4.32
C LEU C 19 20.97 13.56 2.87
N VAL C 20 21.10 12.27 2.54
CA VAL C 20 20.84 11.77 1.18
C VAL C 20 19.33 11.69 0.89
N PRO C 21 18.92 11.64 -0.40
CA PRO C 21 17.49 11.69 -0.74
C PRO C 21 16.58 10.80 0.11
N VAL C 22 16.96 9.55 0.35
CA VAL C 22 16.11 8.64 1.17
C VAL C 22 15.93 9.10 2.62
N LYS C 23 16.85 9.96 3.09
CA LYS C 23 16.84 10.46 4.48
C LYS C 23 16.35 11.90 4.60
N TRP C 24 15.94 12.48 3.51
CA TRP C 24 15.43 13.82 3.53
C TRP C 24 14.22 14.00 4.49
N GLY C 25 14.16 15.15 5.18
CA GLY C 25 13.09 15.48 6.10
C GLY C 25 11.98 16.33 5.49
N GLY C 26 11.46 17.27 6.26
CA GLY C 26 10.41 18.13 5.81
C GLY C 26 9.22 17.32 5.38
N ASN C 27 8.67 17.63 4.22
CA ASN C 27 7.56 16.92 3.69
C ASN C 27 8.01 15.88 2.66
N CYS C 28 9.28 15.54 2.63
CA CYS C 28 9.82 14.67 1.58
C CYS C 28 9.42 13.19 1.68
N GLN C 29 8.88 12.79 2.83
CA GLN C 29 8.45 11.40 3.02
C GLN C 29 6.93 11.28 3.05
N LYS C 30 6.23 12.32 2.57
CA LYS C 30 4.78 12.29 2.46
C LYS C 30 4.36 11.59 1.16
N ASP C 31 3.06 11.61 0.84
CA ASP C 31 2.54 10.63 -0.13
C ASP C 31 2.26 11.11 -1.55
N ARG C 32 2.51 12.40 -1.81
CA ARG C 32 2.21 12.97 -3.12
C ARG C 32 3.47 13.66 -3.68
N GLN C 33 4.54 12.89 -3.79
CA GLN C 33 5.87 13.40 -4.08
C GLN C 33 6.24 13.29 -5.57
N SER C 34 7.20 14.09 -5.98
CA SER C 34 7.71 14.16 -7.36
C SER C 34 9.22 13.97 -7.29
N PRO C 35 9.86 13.53 -8.40
CA PRO C 35 9.32 13.19 -9.73
C PRO C 35 8.72 11.79 -9.81
N ILE C 36 8.11 11.49 -10.96
CA ILE C 36 7.48 10.17 -11.16
C ILE C 36 7.82 9.67 -12.55
N ASN C 37 7.60 8.37 -12.75
CA ASN C 37 7.55 7.79 -14.09
C ASN C 37 6.13 7.95 -14.64
N ILE C 38 6.05 8.48 -15.86
CA ILE C 38 4.77 8.65 -16.55
C ILE C 38 4.63 7.50 -17.55
N VAL C 39 3.67 6.61 -17.29
CA VAL C 39 3.27 5.63 -18.29
C VAL C 39 2.31 6.33 -19.24
N THR C 40 2.81 6.70 -20.41
CA THR C 40 2.10 7.58 -21.35
C THR C 40 0.74 7.03 -21.80
N THR C 41 0.64 5.72 -22.00
CA THR C 41 -0.64 5.11 -22.42
C THR C 41 -1.69 5.12 -21.30
N LYS C 42 -1.24 5.10 -20.05
CA LYS C 42 -2.15 5.13 -18.91
C LYS C 42 -2.64 6.55 -18.59
N ALA C 43 -1.97 7.57 -19.11
CA ALA C 43 -2.39 8.95 -18.86
C ALA C 43 -3.57 9.27 -19.77
N LYS C 44 -4.71 9.60 -19.17
CA LYS C 44 -5.94 9.82 -19.94
C LYS C 44 -5.99 11.23 -20.52
N VAL C 45 -6.47 11.34 -21.76
CA VAL C 45 -6.63 12.64 -22.40
C VAL C 45 -7.72 13.44 -21.67
N ASP C 46 -7.40 14.67 -21.29
CA ASP C 46 -8.39 15.58 -20.73
C ASP C 46 -8.54 16.81 -21.63
N LYS C 47 -9.75 16.97 -22.17
CA LYS C 47 -10.06 18.04 -23.11
C LYS C 47 -10.12 19.44 -22.46
N LYS C 48 -10.21 19.50 -21.14
CA LYS C 48 -10.13 20.77 -20.41
C LYS C 48 -8.73 21.41 -20.50
N LEU C 49 -7.73 20.61 -20.84
CA LEU C 49 -6.39 21.11 -21.05
C LEU C 49 -6.25 21.71 -22.45
N GLY C 50 -5.84 22.97 -22.52
CA GLY C 50 -5.59 23.63 -23.79
C GLY C 50 -4.14 24.06 -23.91
N ARG C 51 -3.86 24.85 -24.94
CA ARG C 51 -2.52 25.38 -25.15
C ARG C 51 -2.11 26.36 -24.04
N PHE C 52 -0.81 26.46 -23.82
CA PHE C 52 -0.26 27.45 -22.92
C PHE C 52 -0.14 28.80 -23.62
N PHE C 53 -0.20 29.86 -22.84
CA PHE C 53 0.11 31.18 -23.31
C PHE C 53 1.31 31.73 -22.56
N PHE C 54 2.34 32.07 -23.33
CA PHE C 54 3.59 32.58 -22.77
C PHE C 54 3.66 34.09 -22.94
N SER C 55 3.96 34.77 -21.84
CA SER C 55 4.13 36.22 -21.84
C SER C 55 5.53 36.50 -21.32
N GLY C 56 6.28 37.36 -22.01
CA GLY C 56 7.66 37.67 -21.64
C GLY C 56 8.70 36.61 -21.99
N TYR C 57 8.27 35.55 -22.66
CA TYR C 57 9.18 34.47 -23.10
C TYR C 57 9.98 34.81 -24.38
N ASP C 58 9.47 35.73 -25.19
CA ASP C 58 10.12 36.11 -26.46
C ASP C 58 11.09 37.30 -26.31
N LYS C 59 10.97 38.05 -25.21
CA LYS C 59 11.78 39.25 -24.99
C LYS C 59 13.23 38.90 -24.72
N LYS C 60 14.14 39.54 -25.44
CA LYS C 60 15.58 39.41 -25.21
C LYS C 60 15.94 40.16 -23.93
N GLN C 61 16.71 39.49 -23.07
CA GLN C 61 16.92 39.94 -21.71
C GLN C 61 18.36 39.54 -21.33
N THR C 62 19.03 40.30 -20.46
CA THR C 62 20.33 39.86 -19.93
C THR C 62 20.15 39.27 -18.54
N TRP C 63 20.02 37.95 -18.48
CA TRP C 63 19.65 37.26 -17.24
C TRP C 63 20.85 37.02 -16.32
N THR C 64 20.58 37.02 -15.02
CA THR C 64 21.57 36.63 -14.02
C THR C 64 21.49 35.12 -13.81
N VAL C 65 22.63 34.43 -13.84
CA VAL C 65 22.66 32.99 -13.53
C VAL C 65 23.62 32.73 -12.37
N GLN C 66 23.20 31.88 -11.44
CA GLN C 66 23.99 31.61 -10.24
C GLN C 66 24.15 30.12 -9.99
N ASN C 67 25.29 29.76 -9.40
CA ASN C 67 25.52 28.41 -8.91
C ASN C 67 25.15 28.44 -7.42
N ASN C 68 24.09 27.72 -7.04
CA ASN C 68 23.60 27.70 -5.66
C ASN C 68 24.05 26.47 -4.89
N GLY C 69 24.93 25.68 -5.51
CA GLY C 69 25.49 24.50 -4.85
C GLY C 69 24.66 23.24 -5.03
N HIS C 70 23.53 23.36 -5.71
CA HIS C 70 22.63 22.24 -6.01
C HIS C 70 22.33 22.16 -7.52
N SER C 71 22.41 23.31 -8.18
CA SER C 71 22.04 23.47 -9.57
C SER C 71 22.62 24.78 -10.09
N VAL C 72 22.33 25.09 -11.34
CA VAL C 72 22.48 26.45 -11.82
C VAL C 72 21.08 27.02 -12.07
N MET C 73 20.90 28.28 -11.71
CA MET C 73 19.58 28.88 -11.65
C MET C 73 19.57 30.28 -12.28
N MET C 74 18.64 30.51 -13.21
CA MET C 74 18.39 31.87 -13.71
C MET C 74 17.28 32.54 -12.90
N LEU C 75 17.54 33.76 -12.44
CA LEU C 75 16.55 34.53 -11.69
C LEU C 75 15.62 35.27 -12.65
N LEU C 76 14.32 34.98 -12.57
CA LEU C 76 13.41 35.45 -13.63
C LEU C 76 12.64 36.72 -13.26
N GLU C 77 12.58 37.02 -11.95
CA GLU C 77 12.17 38.35 -11.46
C GLU C 77 10.80 38.85 -11.97
N ASN C 78 9.90 37.91 -12.13
CA ASN C 78 8.56 38.16 -12.55
C ASN C 78 8.56 38.78 -13.95
N LYS C 79 9.58 38.49 -14.78
CA LYS C 79 9.67 39.10 -16.12
C LYS C 79 8.98 38.30 -17.22
N ALA C 80 8.38 37.21 -16.82
CA ALA C 80 7.61 36.34 -17.67
C ALA C 80 6.50 35.71 -16.89
N SER C 81 5.52 35.26 -17.61
CA SER C 81 4.37 34.61 -16.97
C SER C 81 3.69 33.64 -17.93
N ILE C 82 2.83 32.78 -17.38
CA ILE C 82 2.08 31.81 -18.19
C ILE C 82 0.59 31.80 -17.82
N SER C 83 -0.24 31.41 -18.78
CA SER C 83 -1.63 31.13 -18.52
C SER C 83 -2.10 30.02 -19.47
N GLY C 84 -3.37 29.67 -19.41
CA GLY C 84 -3.88 28.55 -20.19
C GLY C 84 -3.24 27.26 -19.67
N GLY C 85 -2.98 26.32 -20.57
CA GLY C 85 -2.42 25.02 -20.18
C GLY C 85 -3.23 24.31 -19.10
N GLY C 86 -4.52 24.61 -19.05
CA GLY C 86 -5.42 24.09 -18.01
C GLY C 86 -5.17 24.63 -16.61
N LEU C 87 -4.33 25.67 -16.51
CA LEU C 87 -4.03 26.31 -15.23
C LEU C 87 -5.22 27.14 -14.72
N PRO C 88 -5.43 27.19 -13.41
CA PRO C 88 -6.61 27.90 -12.85
C PRO C 88 -6.45 29.42 -12.82
N ALA C 89 -5.23 29.91 -13.04
CA ALA C 89 -4.93 31.33 -12.88
C ALA C 89 -3.67 31.63 -13.65
N PRO C 90 -3.32 32.92 -13.83
CA PRO C 90 -1.97 33.17 -14.34
C PRO C 90 -0.90 32.91 -13.27
N TYR C 91 0.28 32.43 -13.71
CA TYR C 91 1.43 32.20 -12.81
C TYR C 91 2.65 33.00 -13.25
N GLN C 92 3.31 33.65 -12.29
CA GLN C 92 4.51 34.45 -12.56
C GLN C 92 5.81 33.66 -12.47
N ALA C 93 6.69 33.82 -13.47
CA ALA C 93 8.00 33.14 -13.47
C ALA C 93 8.94 33.67 -12.39
N LYS C 94 9.51 32.75 -11.60
CA LYS C 94 10.43 33.13 -10.51
C LYS C 94 11.88 32.79 -10.85
N GLN C 95 12.10 31.57 -11.30
CA GLN C 95 13.45 31.07 -11.57
C GLN C 95 13.37 29.85 -12.48
N LEU C 96 14.50 29.61 -13.14
CA LEU C 96 14.68 28.46 -14.02
C LEU C 96 15.95 27.76 -13.56
N HIS C 97 15.90 26.44 -13.44
CA HIS C 97 17.12 25.70 -13.12
C HIS C 97 17.11 24.36 -13.84
N LEU C 98 18.16 23.57 -13.63
CA LEU C 98 18.28 22.31 -14.38
C LEU C 98 18.77 21.16 -13.52
N HIS C 99 18.45 19.94 -13.95
CA HIS C 99 18.98 18.73 -13.34
C HIS C 99 19.63 17.94 -14.46
N TRP C 100 20.73 17.26 -14.18
CA TRP C 100 21.44 16.58 -15.25
C TRP C 100 22.37 15.48 -14.77
N SER C 101 22.88 14.72 -15.72
CA SER C 101 23.90 13.70 -15.47
C SER C 101 24.96 13.93 -16.53
N ASP C 102 25.74 12.91 -16.87
CA ASP C 102 26.72 13.04 -17.94
C ASP C 102 26.61 11.87 -18.91
N LEU C 103 25.43 11.25 -18.90
CA LEU C 103 25.12 10.05 -19.72
C LEU C 103 23.84 10.28 -20.52
N PRO C 104 23.77 9.76 -21.76
CA PRO C 104 22.56 10.05 -22.57
C PRO C 104 21.26 9.51 -21.93
N TYR C 105 21.38 8.44 -21.14
CA TYR C 105 20.24 7.67 -20.66
C TYR C 105 19.80 7.99 -19.23
N LYS C 106 20.39 9.00 -18.62
CA LYS C 106 19.92 9.49 -17.33
C LYS C 106 20.26 10.97 -17.17
N GLY C 107 19.68 11.59 -16.16
CA GLY C 107 19.87 13.00 -15.90
C GLY C 107 18.55 13.74 -15.70
N SER C 108 17.48 13.23 -16.29
CA SER C 108 16.15 13.82 -16.04
C SER C 108 15.60 13.33 -14.68
N GLU C 109 14.67 14.08 -14.12
CA GLU C 109 14.01 13.69 -12.89
C GLU C 109 12.81 12.80 -13.20
N HIS C 110 11.93 13.30 -14.06
CA HIS C 110 10.85 12.50 -14.61
C HIS C 110 11.38 11.55 -15.69
N SER C 111 10.69 10.43 -15.87
CA SER C 111 10.91 9.57 -17.04
C SER C 111 9.57 9.35 -17.76
N LEU C 112 9.64 8.99 -19.05
CA LEU C 112 8.43 8.66 -19.82
C LEU C 112 8.53 7.21 -20.29
N ASP C 113 7.57 6.39 -19.86
CA ASP C 113 7.62 4.95 -20.14
C ASP C 113 8.99 4.34 -19.77
N GLY C 114 9.57 4.81 -18.67
CA GLY C 114 10.86 4.33 -18.19
C GLY C 114 12.10 4.92 -18.86
N GLU C 115 11.90 5.77 -19.86
CA GLU C 115 13.02 6.46 -20.52
C GLU C 115 13.39 7.73 -19.79
N HIS C 116 14.64 7.79 -19.34
CA HIS C 116 15.18 9.02 -18.77
C HIS C 116 15.92 9.77 -19.85
N PHE C 117 15.97 11.09 -19.71
CA PHE C 117 16.68 11.94 -20.66
C PHE C 117 17.93 12.51 -20.04
N ALA C 118 18.74 13.21 -20.85
CA ALA C 118 20.06 13.70 -20.40
C ALA C 118 20.00 14.80 -19.35
N MET C 119 18.97 15.64 -19.41
CA MET C 119 18.73 16.69 -18.41
C MET C 119 17.24 16.94 -18.32
N GLU C 120 16.85 17.70 -17.29
CA GLU C 120 15.51 18.24 -17.19
C GLU C 120 15.62 19.70 -16.77
N MET C 121 14.91 20.57 -17.47
CA MET C 121 14.81 21.98 -17.12
C MET C 121 13.51 22.24 -16.37
N HIS C 122 13.59 22.94 -15.24
CA HIS C 122 12.39 23.33 -14.50
C HIS C 122 12.21 24.84 -14.50
N ILE C 123 11.08 25.32 -15.05
CA ILE C 123 10.73 26.75 -14.93
C ILE C 123 9.65 26.92 -13.88
N VAL C 124 10.05 27.54 -12.78
CA VAL C 124 9.23 27.59 -11.58
C VAL C 124 8.40 28.88 -11.56
N HIS C 125 7.08 28.71 -11.50
CA HIS C 125 6.16 29.84 -11.48
C HIS C 125 5.34 29.81 -10.18
N GLU C 126 4.87 30.97 -9.77
CA GLU C 126 3.98 31.05 -8.62
C GLU C 126 2.66 31.72 -9.00
N LYS C 127 1.56 31.18 -8.49
CA LYS C 127 0.23 31.72 -8.75
C LYS C 127 0.17 33.21 -8.39
N GLU C 128 -0.34 34.03 -9.31
CA GLU C 128 -0.46 35.47 -9.09
C GLU C 128 -1.51 35.76 -8.02
N LYS C 129 -1.08 36.54 -7.02
CA LYS C 129 -1.90 36.94 -5.89
C LYS C 129 -3.21 37.55 -6.38
N GLY C 130 -4.31 37.05 -5.85
CA GLY C 130 -5.65 37.59 -6.15
C GLY C 130 -6.17 37.34 -7.57
N THR C 131 -5.62 36.35 -8.26
CA THR C 131 -6.07 36.06 -9.62
C THR C 131 -6.85 34.75 -9.71
N SER C 132 -6.97 34.05 -8.58
CA SER C 132 -7.79 32.85 -8.52
C SER C 132 -9.23 33.29 -8.68
N ARG C 133 -10.01 32.53 -9.42
CA ARG C 133 -11.34 33.00 -9.79
C ARG C 133 -12.37 32.79 -8.67
N ASN C 134 -12.10 31.84 -7.79
CA ASN C 134 -13.01 31.56 -6.69
C ASN C 134 -12.27 31.28 -5.38
N VAL C 135 -12.99 31.33 -4.27
CA VAL C 135 -12.39 31.22 -2.94
C VAL C 135 -11.71 29.87 -2.74
N LYS C 136 -12.37 28.78 -3.15
CA LYS C 136 -11.79 27.44 -3.02
C LYS C 136 -10.45 27.33 -3.76
N GLU C 137 -10.36 27.89 -4.98
CA GLU C 137 -9.09 27.88 -5.71
C GLU C 137 -8.02 28.76 -5.03
N ALA C 138 -8.44 29.93 -4.53
CA ALA C 138 -7.52 30.82 -3.82
C ALA C 138 -6.85 30.15 -2.62
N GLN C 139 -7.58 29.25 -1.96
CA GLN C 139 -7.12 28.60 -0.74
C GLN C 139 -6.47 27.23 -0.96
N ASP C 140 -6.54 26.75 -2.19
CA ASP C 140 -5.98 25.46 -2.60
C ASP C 140 -4.44 25.42 -2.43
N PRO C 141 -3.95 24.60 -1.47
CA PRO C 141 -2.50 24.55 -1.27
C PRO C 141 -1.76 23.74 -2.35
N GLU C 142 -2.47 22.88 -3.08
CA GLU C 142 -1.85 21.89 -3.97
C GLU C 142 -1.27 22.44 -5.27
N ASP C 143 -1.70 23.64 -5.66
CA ASP C 143 -1.28 24.21 -6.96
C ASP C 143 -0.75 25.64 -6.87
N GLU C 144 -0.24 26.00 -5.70
CA GLU C 144 0.40 27.29 -5.48
C GLU C 144 1.56 27.53 -6.46
N ILE C 145 2.26 26.45 -6.84
CA ILE C 145 3.42 26.54 -7.73
C ILE C 145 3.15 25.73 -8.99
N ALA C 146 3.50 26.31 -10.14
CA ALA C 146 3.45 25.61 -11.42
C ALA C 146 4.88 25.49 -11.93
N VAL C 147 5.34 24.26 -12.09
CA VAL C 147 6.64 24.06 -12.71
C VAL C 147 6.42 23.51 -14.10
N LEU C 148 7.03 24.16 -15.09
CA LEU C 148 7.10 23.58 -16.42
C LEU C 148 8.36 22.73 -16.53
N ALA C 149 8.21 21.47 -16.91
CA ALA C 149 9.36 20.59 -17.08
C ALA C 149 9.60 20.27 -18.53
N PHE C 150 10.83 20.46 -18.95
CA PHE C 150 11.28 20.18 -20.31
C PHE C 150 12.41 19.19 -20.24
N LEU C 151 12.29 18.12 -21.02
CA LEU C 151 13.30 17.08 -21.08
C LEU C 151 14.34 17.46 -22.13
N VAL C 152 15.58 17.06 -21.90
CA VAL C 152 16.67 17.43 -22.80
C VAL C 152 17.34 16.16 -23.32
N GLU C 153 17.55 16.09 -24.63
CA GLU C 153 18.29 14.98 -25.24
C GLU C 153 19.43 15.49 -26.11
N ALA C 154 20.42 14.63 -26.36
CA ALA C 154 21.54 14.99 -27.25
C ALA C 154 21.12 15.01 -28.71
N GLY C 155 21.68 15.97 -29.45
CA GLY C 155 21.49 16.09 -30.89
C GLY C 155 22.79 16.49 -31.54
N THR C 156 22.84 16.36 -32.85
CA THR C 156 24.03 16.69 -33.64
C THR C 156 24.40 18.16 -33.59
N GLN C 157 23.39 19.03 -33.63
CA GLN C 157 23.61 20.47 -33.79
C GLN C 157 23.83 21.19 -32.46
N VAL C 158 24.76 22.15 -32.45
CA VAL C 158 24.85 23.08 -31.33
C VAL C 158 23.53 23.86 -31.28
N ASN C 159 22.85 23.79 -30.14
CA ASN C 159 21.65 24.61 -29.92
C ASN C 159 22.12 26.02 -29.61
N GLU C 160 22.03 26.90 -30.60
CA GLU C 160 22.51 28.28 -30.44
C GLU C 160 21.76 29.04 -29.34
N GLY C 161 20.50 28.68 -29.13
CA GLY C 161 19.68 29.35 -28.11
C GLY C 161 20.25 29.16 -26.72
N PHE C 162 20.84 27.99 -26.48
CA PHE C 162 21.45 27.64 -25.19
C PHE C 162 22.86 28.19 -24.96
N GLN C 163 23.51 28.68 -26.02
CA GLN C 163 24.90 29.11 -25.88
C GLN C 163 25.19 30.21 -24.84
N PRO C 164 24.31 31.24 -24.72
CA PRO C 164 24.55 32.22 -23.65
C PRO C 164 24.59 31.58 -22.27
N LEU C 165 23.72 30.61 -22.01
CA LEU C 165 23.72 29.89 -20.74
C LEU C 165 25.00 29.03 -20.59
N VAL C 166 25.34 28.29 -21.63
CA VAL C 166 26.46 27.35 -21.58
C VAL C 166 27.79 28.12 -21.40
N GLU C 167 27.95 29.21 -22.13
CA GLU C 167 29.13 30.05 -22.01
C GLU C 167 29.22 30.73 -20.64
N ALA C 168 28.08 31.02 -20.04
CA ALA C 168 28.03 31.65 -18.71
C ALA C 168 28.55 30.72 -17.61
N LEU C 169 28.38 29.40 -17.78
CA LEU C 169 28.83 28.41 -16.78
C LEU C 169 30.31 28.53 -16.40
N SER C 170 31.14 28.93 -17.37
CA SER C 170 32.56 29.19 -17.12
C SER C 170 32.84 30.17 -15.97
N ASN C 171 31.89 31.09 -15.75
CA ASN C 171 32.04 32.16 -14.76
C ASN C 171 31.50 31.83 -13.37
N ILE C 172 30.82 30.70 -13.24
CA ILE C 172 30.21 30.30 -11.95
C ILE C 172 30.57 28.86 -11.50
N PRO C 173 31.88 28.51 -11.45
CA PRO C 173 32.19 27.11 -11.12
C PRO C 173 31.84 26.70 -9.68
N LYS C 174 31.85 27.64 -8.74
CA LYS C 174 31.65 27.36 -7.31
C LYS C 174 30.30 27.86 -6.81
N PRO C 175 29.77 27.25 -5.74
CA PRO C 175 28.56 27.74 -5.11
C PRO C 175 28.67 29.20 -4.66
N GLU C 176 27.54 29.89 -4.62
CA GLU C 176 27.46 31.32 -4.28
C GLU C 176 28.20 32.22 -5.26
N MET C 177 28.31 31.78 -6.51
CA MET C 177 28.84 32.63 -7.58
C MET C 177 27.71 32.94 -8.56
N SER C 178 27.78 34.11 -9.19
CA SER C 178 26.80 34.48 -10.21
C SER C 178 27.44 35.28 -11.34
N THR C 179 26.77 35.29 -12.48
CA THR C 179 27.26 36.03 -13.63
C THR C 179 26.09 36.51 -14.47
N THR C 180 26.35 37.43 -15.39
CA THR C 180 25.32 37.89 -16.31
C THR C 180 25.47 37.16 -17.63
N MET C 181 24.35 36.71 -18.18
CA MET C 181 24.36 36.06 -19.48
C MET C 181 24.23 37.06 -20.63
N ALA C 182 24.80 36.72 -21.78
CA ALA C 182 24.57 37.48 -22.99
C ALA C 182 23.07 37.49 -23.32
N GLU C 183 22.66 38.50 -24.07
CA GLU C 183 21.27 38.66 -24.50
C GLU C 183 20.64 37.35 -24.98
N SER C 184 19.53 36.99 -24.36
CA SER C 184 18.81 35.78 -24.72
C SER C 184 17.39 35.86 -24.23
N SER C 185 16.53 35.02 -24.78
CA SER C 185 15.13 34.92 -24.34
C SER C 185 14.88 33.55 -23.73
N LEU C 186 13.75 33.40 -23.04
CA LEU C 186 13.37 32.08 -22.54
C LEU C 186 13.02 31.13 -23.68
N LEU C 187 12.35 31.66 -24.72
CA LEU C 187 12.02 30.90 -25.92
C LEU C 187 13.26 30.32 -26.60
N ASP C 188 14.38 31.03 -26.52
CA ASP C 188 15.65 30.53 -27.03
C ASP C 188 16.03 29.18 -26.45
N LEU C 189 15.47 28.86 -25.28
CA LEU C 189 15.81 27.65 -24.53
C LEU C 189 14.83 26.50 -24.74
N LEU C 190 13.70 26.81 -25.37
CA LEU C 190 12.60 25.85 -25.42
C LEU C 190 12.47 25.25 -26.81
N PRO C 191 11.78 24.11 -26.92
CA PRO C 191 11.39 23.66 -28.26
C PRO C 191 10.48 24.71 -28.89
N LYS C 192 10.29 24.63 -30.21
CA LYS C 192 9.36 25.51 -30.92
C LYS C 192 8.01 25.51 -30.22
N GLU C 193 7.45 26.69 -29.99
CA GLU C 193 6.21 26.83 -29.23
C GLU C 193 5.08 25.97 -29.78
N GLU C 194 5.06 25.79 -31.10
CA GLU C 194 4.07 24.96 -31.79
C GLU C 194 4.12 23.49 -31.36
N LYS C 195 5.27 23.06 -30.86
CA LYS C 195 5.48 21.67 -30.46
C LYS C 195 5.18 21.45 -28.98
N LEU C 196 4.63 22.47 -28.33
CA LEU C 196 4.33 22.41 -26.89
C LEU C 196 2.86 22.11 -26.58
N ARG C 197 2.12 21.69 -27.60
CA ARG C 197 0.70 21.36 -27.45
C ARG C 197 0.48 20.07 -26.66
N HIS C 198 1.45 19.15 -26.74
CA HIS C 198 1.38 17.87 -26.04
C HIS C 198 2.16 17.91 -24.71
N TYR C 199 1.44 17.79 -23.60
CA TYR C 199 2.08 17.74 -22.29
C TYR C 199 1.35 16.79 -21.35
N PHE C 200 2.01 16.42 -20.27
CA PHE C 200 1.39 15.63 -19.22
C PHE C 200 1.19 16.52 -18.02
N ARG C 201 0.23 16.16 -17.18
CA ARG C 201 -0.18 17.00 -16.07
C ARG C 201 -0.50 16.14 -14.86
N TYR C 202 0.06 16.52 -13.70
CA TYR C 202 -0.30 15.88 -12.44
C TYR C 202 0.04 16.78 -11.27
N LEU C 203 -0.46 16.43 -10.09
CA LEU C 203 -0.21 17.21 -8.88
C LEU C 203 0.86 16.52 -8.05
N GLY C 204 1.86 17.28 -7.63
CA GLY C 204 2.93 16.72 -6.83
C GLY C 204 3.65 17.70 -5.95
N SER C 205 4.96 17.53 -5.88
CA SER C 205 5.76 18.24 -4.91
C SER C 205 6.96 18.90 -5.58
N LEU C 206 7.59 19.81 -4.84
CA LEU C 206 8.94 20.25 -5.15
C LEU C 206 9.90 19.07 -4.96
N THR C 207 10.96 19.02 -5.76
CA THR C 207 11.88 17.86 -5.74
C THR C 207 13.19 18.09 -4.98
N THR C 208 13.27 19.16 -4.19
CA THR C 208 14.34 19.29 -3.22
C THR C 208 13.70 19.67 -1.89
N PRO C 209 14.36 19.40 -0.73
CA PRO C 209 13.75 19.77 0.56
C PRO C 209 13.34 21.26 0.64
N THR C 210 12.19 21.56 1.26
CA THR C 210 11.38 20.63 2.06
C THR C 210 10.30 19.83 1.30
N CYS C 211 10.39 19.78 -0.03
CA CYS C 211 9.48 18.98 -0.86
C CYS C 211 7.99 19.24 -0.66
N ASP C 212 7.62 20.51 -0.47
CA ASP C 212 6.21 20.87 -0.26
C ASP C 212 5.32 20.37 -1.38
N GLU C 213 4.20 19.78 -1.00
CA GLU C 213 3.25 19.27 -1.98
C GLU C 213 2.32 20.40 -2.40
N LYS C 214 2.87 21.29 -3.23
CA LYS C 214 2.15 22.46 -3.67
C LYS C 214 2.34 22.78 -5.15
N VAL C 215 2.81 21.79 -5.90
CA VAL C 215 3.15 21.96 -7.30
C VAL C 215 2.15 21.31 -8.26
N VAL C 216 1.64 22.12 -9.19
CA VAL C 216 0.98 21.59 -10.38
C VAL C 216 2.07 21.39 -11.43
N TRP C 217 2.30 20.12 -11.79
CA TRP C 217 3.37 19.75 -12.71
C TRP C 217 2.90 19.71 -14.14
N THR C 218 3.77 20.15 -15.06
CA THR C 218 3.53 19.94 -16.48
C THR C 218 4.83 19.37 -17.02
N VAL C 219 4.74 18.26 -17.75
CA VAL C 219 5.91 17.70 -18.42
C VAL C 219 5.61 17.64 -19.91
N PHE C 220 6.42 18.36 -20.68
CA PHE C 220 6.20 18.47 -22.12
C PHE C 220 6.73 17.23 -22.84
N ARG C 221 5.96 16.75 -23.82
CA ARG C 221 6.34 15.56 -24.59
C ARG C 221 7.58 15.84 -25.45
N GLU C 222 7.66 17.04 -26.01
CA GLU C 222 8.77 17.40 -26.92
C GLU C 222 10.05 17.76 -26.16
N PRO C 223 11.15 17.04 -26.44
CA PRO C 223 12.38 17.38 -25.77
C PRO C 223 13.12 18.54 -26.43
N ILE C 224 13.90 19.25 -25.63
CA ILE C 224 14.92 20.15 -26.13
C ILE C 224 16.08 19.31 -26.66
N GLN C 225 16.71 19.77 -27.74
CA GLN C 225 17.93 19.13 -28.23
C GLN C 225 19.13 20.03 -28.01
N LEU C 226 20.14 19.48 -27.35
CA LEU C 226 21.45 20.13 -27.20
C LEU C 226 22.52 19.24 -27.80
N HIS C 227 23.66 19.82 -28.19
CA HIS C 227 24.84 19.03 -28.54
C HIS C 227 25.28 18.28 -27.29
N ARG C 228 25.81 17.06 -27.44
CA ARG C 228 26.31 16.30 -26.29
C ARG C 228 27.30 17.13 -25.48
N GLU C 229 28.12 17.92 -26.16
CA GLU C 229 29.14 18.73 -25.48
C GLU C 229 28.56 19.93 -24.74
N GLN C 230 27.38 20.39 -25.17
CA GLN C 230 26.63 21.41 -24.41
C GLN C 230 26.13 20.84 -23.08
N ILE C 231 25.61 19.62 -23.10
CA ILE C 231 25.15 18.96 -21.90
C ILE C 231 26.36 18.66 -20.97
N LEU C 232 27.45 18.19 -21.57
CA LEU C 232 28.65 17.86 -20.80
C LEU C 232 29.32 19.07 -20.14
N ALA C 233 29.15 20.25 -20.74
CA ALA C 233 29.67 21.50 -20.16
C ALA C 233 29.21 21.70 -18.71
N PHE C 234 27.97 21.29 -18.39
CA PHE C 234 27.46 21.43 -17.03
C PHE C 234 28.31 20.69 -15.99
N SER C 235 28.62 19.41 -16.24
CA SER C 235 29.43 18.64 -15.30
C SER C 235 30.93 18.95 -15.39
N GLN C 236 31.38 19.44 -16.55
CA GLN C 236 32.78 19.79 -16.74
C GLN C 236 33.15 21.10 -16.08
N LYS C 237 32.21 22.04 -16.02
CA LYS C 237 32.50 23.40 -15.54
C LYS C 237 32.07 23.66 -14.10
N LEU C 238 31.09 22.93 -13.60
CA LEU C 238 30.44 23.25 -12.33
C LEU C 238 30.84 22.30 -11.22
N TYR C 239 30.82 22.80 -9.98
CA TYR C 239 31.09 21.97 -8.81
C TYR C 239 30.03 22.22 -7.76
N TYR C 240 29.77 21.20 -6.96
CA TYR C 240 28.92 21.32 -5.80
C TYR C 240 29.54 22.13 -4.65
N ASP C 241 30.85 22.09 -4.56
CA ASP C 241 31.57 22.69 -3.48
C ASP C 241 32.58 23.75 -3.82
N LYS C 242 32.87 24.62 -2.85
CA LYS C 242 33.80 25.72 -2.99
C LYS C 242 35.23 25.23 -3.23
N GLU C 243 35.58 24.04 -2.69
CA GLU C 243 36.86 23.40 -2.87
C GLU C 243 37.01 22.66 -4.20
N GLN C 244 35.96 22.61 -4.98
CA GLN C 244 35.94 22.00 -6.26
C GLN C 244 36.43 20.57 -6.25
N THR C 245 35.87 19.78 -5.36
CA THR C 245 36.23 18.41 -5.29
C THR C 245 35.23 17.43 -5.88
N VAL C 246 34.01 17.88 -6.07
CA VAL C 246 32.90 17.08 -6.61
C VAL C 246 32.23 17.84 -7.75
N SER C 247 32.45 17.37 -8.98
CA SER C 247 31.84 17.97 -10.17
C SER C 247 30.32 17.88 -10.05
N MET C 248 29.61 18.93 -10.48
CA MET C 248 28.16 18.96 -10.37
C MET C 248 27.46 18.11 -11.46
N LYS C 249 26.88 17.00 -11.05
CA LYS C 249 26.12 16.14 -11.93
C LYS C 249 25.29 15.25 -11.02
N ASP C 250 24.30 14.58 -11.60
CA ASP C 250 23.42 13.67 -10.86
C ASP C 250 22.72 14.40 -9.70
N ASN C 251 22.40 15.66 -9.97
CA ASN C 251 21.59 16.47 -9.06
C ASN C 251 20.10 16.15 -9.27
N VAL C 252 19.79 14.87 -9.05
CA VAL C 252 18.55 14.26 -9.45
C VAL C 252 17.96 13.53 -8.25
N ARG C 253 16.68 13.79 -7.96
CA ARG C 253 15.99 13.07 -6.89
C ARG C 253 15.48 11.73 -7.43
N PRO C 254 15.63 10.64 -6.66
CA PRO C 254 15.11 9.36 -7.16
C PRO C 254 13.58 9.39 -7.38
N LEU C 255 13.09 8.45 -8.19
CA LEU C 255 11.69 8.39 -8.57
C LEU C 255 10.80 8.08 -7.37
N GLN C 256 9.62 8.72 -7.35
CA GLN C 256 8.63 8.56 -6.30
C GLN C 256 7.41 7.79 -6.85
N GLN C 257 6.72 7.08 -5.97
CA GLN C 257 5.50 6.39 -6.36
C GLN C 257 4.33 7.32 -6.61
N LEU C 258 3.66 7.10 -7.74
CA LEU C 258 2.48 7.87 -8.11
C LEU C 258 1.38 7.79 -7.06
N GLY C 259 1.17 6.60 -6.48
CA GLY C 259 0.20 6.44 -5.41
C GLY C 259 -1.25 6.53 -5.87
N GLN C 260 -2.08 7.26 -5.13
CA GLN C 260 -3.51 7.39 -5.41
C GLN C 260 -3.79 8.25 -6.64
N ARG C 261 -2.78 8.99 -7.06
CA ARG C 261 -2.93 10.04 -8.06
C ARG C 261 -3.14 9.56 -9.49
N THR C 262 -3.62 10.49 -10.32
CA THR C 262 -3.84 10.30 -11.75
C THR C 262 -2.95 11.28 -12.51
N VAL C 263 -2.36 10.82 -13.62
CA VAL C 263 -1.70 11.69 -14.58
C VAL C 263 -2.66 11.87 -15.77
N ILE C 264 -2.82 13.10 -16.24
CA ILE C 264 -3.60 13.37 -17.43
C ILE C 264 -2.73 13.98 -18.53
N LYS C 265 -3.26 14.05 -19.74
CA LYS C 265 -2.54 14.69 -20.85
C LYS C 265 -3.45 15.50 -21.76
N SER C 266 -2.85 16.45 -22.47
CA SER C 266 -3.58 17.28 -23.45
C SER C 266 -3.90 16.46 -24.70
N HIS D 4 -25.49 -22.30 -4.31
CA HIS D 4 -24.17 -22.78 -3.80
C HIS D 4 -23.55 -21.78 -2.81
N TRP D 5 -23.81 -20.48 -2.99
CA TRP D 5 -23.21 -19.48 -2.08
C TRP D 5 -23.85 -19.48 -0.70
N CYS D 6 -23.04 -19.31 0.33
CA CYS D 6 -23.54 -19.32 1.69
C CYS D 6 -22.74 -18.37 2.61
N TYR D 7 -23.26 -18.17 3.83
CA TYR D 7 -22.50 -17.54 4.89
C TYR D 7 -21.74 -18.61 5.67
N GLU D 8 -20.65 -18.19 6.31
CA GLU D 8 -19.79 -19.09 7.12
C GLU D 8 -20.59 -20.00 8.07
N VAL D 9 -21.58 -19.41 8.76
CA VAL D 9 -22.39 -20.15 9.73
C VAL D 9 -23.14 -21.34 9.11
N GLN D 10 -23.56 -21.20 7.87
CA GLN D 10 -24.24 -22.29 7.14
C GLN D 10 -23.31 -23.47 6.83
N ALA D 11 -22.08 -23.16 6.43
CA ALA D 11 -21.08 -24.19 6.09
C ALA D 11 -20.69 -24.99 7.33
N GLU D 12 -20.54 -24.28 8.45
CA GLU D 12 -20.19 -24.89 9.74
C GLU D 12 -21.31 -25.76 10.30
N SER D 13 -22.55 -25.40 9.98
CA SER D 13 -23.72 -26.05 10.56
C SER D 13 -24.30 -27.14 9.66
N SER D 14 -23.60 -27.48 8.58
CA SER D 14 -24.08 -28.49 7.62
C SER D 14 -22.96 -29.27 6.94
N ASN D 15 -23.29 -30.48 6.50
CA ASN D 15 -22.36 -31.32 5.76
C ASN D 15 -22.37 -31.04 4.26
N TYR D 16 -23.39 -30.29 3.81
CA TYR D 16 -23.56 -29.99 2.39
C TYR D 16 -22.62 -28.89 1.89
N PRO D 17 -21.89 -29.16 0.79
CA PRO D 17 -20.95 -28.22 0.19
C PRO D 17 -21.58 -26.88 -0.21
N CYS D 18 -21.00 -25.79 0.28
CA CYS D 18 -21.39 -24.44 -0.13
C CYS D 18 -20.18 -23.51 -0.18
N LEU D 19 -20.31 -22.42 -0.94
CA LEU D 19 -19.24 -21.43 -1.07
C LEU D 19 -19.34 -20.36 0.00
N VAL D 20 -18.39 -20.38 0.94
CA VAL D 20 -18.32 -19.38 2.00
C VAL D 20 -17.80 -18.05 1.41
N PRO D 21 -17.99 -16.93 2.13
CA PRO D 21 -17.67 -15.60 1.57
C PRO D 21 -16.29 -15.43 0.94
N VAL D 22 -15.23 -15.94 1.56
CA VAL D 22 -13.87 -15.81 0.97
C VAL D 22 -13.76 -16.55 -0.37
N LYS D 23 -14.69 -17.48 -0.61
CA LYS D 23 -14.70 -18.27 -1.83
C LYS D 23 -15.79 -17.88 -2.83
N TRP D 24 -16.61 -16.87 -2.53
CA TRP D 24 -17.61 -16.41 -3.48
C TRP D 24 -16.98 -15.97 -4.80
N GLY D 25 -17.72 -16.26 -5.85
CA GLY D 25 -17.42 -15.91 -7.22
C GLY D 25 -17.96 -14.56 -7.69
N GLY D 26 -18.34 -14.45 -8.95
CA GLY D 26 -18.84 -13.23 -9.52
C GLY D 26 -17.79 -12.13 -9.41
N ASN D 27 -18.25 -10.97 -9.00
CA ASN D 27 -17.38 -9.86 -8.84
C ASN D 27 -16.90 -9.72 -7.42
N CYS D 28 -17.14 -10.73 -6.63
CA CYS D 28 -16.91 -10.74 -5.18
C CYS D 28 -15.43 -10.68 -4.76
N GLN D 29 -14.53 -11.01 -5.67
CA GLN D 29 -13.09 -10.95 -5.37
C GLN D 29 -12.41 -9.69 -5.94
N LYS D 30 -13.20 -8.72 -6.40
CA LYS D 30 -12.67 -7.48 -6.98
C LYS D 30 -12.34 -6.42 -5.91
N ASP D 31 -11.98 -5.22 -6.36
CA ASP D 31 -11.30 -4.20 -5.52
C ASP D 31 -12.15 -3.08 -4.91
N ARG D 32 -13.44 -3.04 -5.25
CA ARG D 32 -14.32 -1.99 -4.75
C ARG D 32 -15.55 -2.61 -4.10
N GLN D 33 -15.26 -3.47 -3.11
CA GLN D 33 -16.29 -4.26 -2.43
C GLN D 33 -16.85 -3.60 -1.19
N SER D 34 -18.03 -4.05 -0.77
CA SER D 34 -18.68 -3.60 0.44
C SER D 34 -19.01 -4.85 1.27
N PRO D 35 -19.16 -4.73 2.60
CA PRO D 35 -19.13 -3.52 3.45
C PRO D 35 -17.71 -3.12 3.85
N ILE D 36 -17.59 -1.97 4.48
CA ILE D 36 -16.30 -1.48 4.95
C ILE D 36 -16.44 -0.94 6.35
N ASN D 37 -15.29 -0.71 6.98
CA ASN D 37 -15.22 0.11 8.17
C ASN D 37 -15.15 1.57 7.75
N ILE D 38 -15.94 2.39 8.43
CA ILE D 38 -15.92 3.82 8.21
C ILE D 38 -15.26 4.54 9.38
N VAL D 39 -14.13 5.20 9.10
CA VAL D 39 -13.45 6.00 10.11
C VAL D 39 -14.05 7.39 10.02
N THR D 40 -15.00 7.68 10.90
CA THR D 40 -15.86 8.86 10.78
C THR D 40 -15.12 10.20 10.74
N THR D 41 -14.06 10.35 11.54
CA THR D 41 -13.29 11.60 11.56
C THR D 41 -12.39 11.76 10.33
N LYS D 42 -12.24 10.69 9.53
CA LYS D 42 -11.43 10.77 8.32
C LYS D 42 -12.24 11.04 7.06
N ALA D 43 -13.54 10.79 7.13
CA ALA D 43 -14.44 11.14 6.03
C ALA D 43 -14.59 12.65 5.99
N LYS D 44 -14.27 13.25 4.84
CA LYS D 44 -14.37 14.72 4.70
C LYS D 44 -15.80 15.16 4.41
N VAL D 45 -16.17 16.30 4.98
CA VAL D 45 -17.47 16.92 4.74
C VAL D 45 -17.59 17.32 3.25
N ASP D 46 -18.67 16.90 2.61
CA ASP D 46 -18.98 17.35 1.26
C ASP D 46 -20.27 18.16 1.29
N LYS D 47 -20.14 19.46 0.96
CA LYS D 47 -21.26 20.40 1.04
C LYS D 47 -22.41 20.05 0.11
N LYS D 48 -22.11 19.28 -0.94
CA LYS D 48 -23.12 18.88 -1.91
C LYS D 48 -24.07 17.80 -1.37
N LEU D 49 -23.71 17.22 -0.22
CA LEU D 49 -24.52 16.16 0.37
C LEU D 49 -25.61 16.76 1.26
N GLY D 50 -26.73 17.13 0.65
CA GLY D 50 -27.86 17.71 1.36
C GLY D 50 -28.81 16.64 1.86
N ARG D 51 -29.92 17.09 2.45
CA ARG D 51 -30.89 16.19 3.05
CA ARG D 51 -30.86 16.17 3.06
C ARG D 51 -31.59 15.30 2.01
N PHE D 52 -32.01 14.11 2.46
CA PHE D 52 -32.84 13.23 1.67
C PHE D 52 -34.27 13.72 1.81
N PHE D 53 -35.03 13.56 0.72
CA PHE D 53 -36.45 13.78 0.70
C PHE D 53 -37.08 12.43 0.43
N PHE D 54 -38.11 12.09 1.20
CA PHE D 54 -38.71 10.75 1.12
C PHE D 54 -40.11 10.81 0.55
N SER D 55 -40.43 9.86 -0.32
CA SER D 55 -41.73 9.77 -0.93
C SER D 55 -42.31 8.38 -0.69
N GLY D 56 -43.52 8.30 -0.14
CA GLY D 56 -44.15 7.01 0.19
C GLY D 56 -43.60 6.36 1.45
N TYR D 57 -42.71 7.04 2.16
CA TYR D 57 -42.15 6.49 3.39
C TYR D 57 -43.11 6.64 4.58
N ASP D 58 -44.00 7.62 4.50
CA ASP D 58 -44.88 7.99 5.61
C ASP D 58 -46.25 7.29 5.60
N LYS D 59 -46.71 6.84 4.43
CA LYS D 59 -48.05 6.25 4.36
C LYS D 59 -48.09 4.79 4.83
N LYS D 60 -49.20 4.43 5.44
CA LYS D 60 -49.36 3.09 5.97
C LYS D 60 -49.68 2.12 4.84
N GLN D 61 -49.03 0.96 4.88
CA GLN D 61 -49.25 -0.10 3.90
C GLN D 61 -49.27 -1.42 4.67
N THR D 62 -49.88 -2.44 4.09
CA THR D 62 -49.75 -3.79 4.61
C THR D 62 -48.71 -4.50 3.76
N TRP D 63 -47.45 -4.35 4.12
CA TRP D 63 -46.33 -4.83 3.31
C TRP D 63 -46.25 -6.35 3.32
N THR D 64 -45.79 -6.91 2.21
CA THR D 64 -45.41 -8.32 2.15
C THR D 64 -43.98 -8.46 2.61
N VAL D 65 -43.73 -9.44 3.48
CA VAL D 65 -42.39 -9.76 3.92
C VAL D 65 -42.16 -11.26 3.68
N GLN D 66 -40.95 -11.60 3.24
CA GLN D 66 -40.66 -12.97 2.84
C GLN D 66 -39.33 -13.44 3.40
N ASN D 67 -39.26 -14.76 3.62
CA ASN D 67 -37.98 -15.42 3.98
C ASN D 67 -37.41 -15.98 2.68
N ASN D 68 -36.30 -15.41 2.22
CA ASN D 68 -35.71 -15.84 0.95
C ASN D 68 -34.52 -16.78 1.13
N GLY D 69 -34.37 -17.34 2.34
CA GLY D 69 -33.27 -18.27 2.62
C GLY D 69 -31.95 -17.65 3.03
N HIS D 70 -31.85 -16.31 2.95
CA HIS D 70 -30.61 -15.58 3.31
C HIS D 70 -30.91 -14.44 4.28
N SER D 71 -32.16 -13.99 4.28
CA SER D 71 -32.59 -12.81 5.01
C SER D 71 -34.12 -12.84 5.07
N VAL D 72 -34.71 -11.87 5.79
CA VAL D 72 -36.10 -11.49 5.57
C VAL D 72 -36.16 -10.19 4.79
N MET D 73 -37.16 -10.08 3.91
CA MET D 73 -37.22 -9.03 2.93
C MET D 73 -38.65 -8.53 2.72
N MET D 74 -38.83 -7.21 2.88
CA MET D 74 -40.09 -6.55 2.54
C MET D 74 -40.08 -6.15 1.07
N LEU D 75 -41.15 -6.51 0.34
CA LEU D 75 -41.29 -6.16 -1.07
C LEU D 75 -41.89 -4.77 -1.22
N LEU D 76 -41.13 -3.82 -1.77
CA LEU D 76 -41.55 -2.41 -1.77
C LEU D 76 -42.23 -1.98 -3.06
N GLU D 77 -41.93 -2.70 -4.14
CA GLU D 77 -42.69 -2.65 -5.40
C GLU D 77 -42.83 -1.23 -5.97
N ASN D 78 -41.78 -0.40 -5.91
CA ASN D 78 -41.83 0.99 -6.40
C ASN D 78 -42.89 1.85 -5.73
N LYS D 79 -43.30 1.50 -4.52
CA LYS D 79 -44.34 2.28 -3.84
C LYS D 79 -43.73 3.37 -2.97
N ALA D 80 -42.49 3.56 -3.01
CA ALA D 80 -41.71 4.59 -2.32
C ALA D 80 -40.51 4.99 -3.14
N SER D 81 -39.96 6.16 -2.84
CA SER D 81 -38.81 6.70 -3.56
C SER D 81 -38.11 7.78 -2.75
N ILE D 82 -36.91 8.15 -3.18
CA ILE D 82 -36.08 9.13 -2.50
C ILE D 82 -35.43 10.08 -3.49
N SER D 83 -35.25 11.33 -3.07
CA SER D 83 -34.43 12.27 -3.83
C SER D 83 -33.57 13.08 -2.86
N GLY D 84 -32.76 14.01 -3.38
CA GLY D 84 -31.77 14.69 -2.55
C GLY D 84 -30.68 13.71 -2.18
N GLY D 85 -30.06 13.93 -1.02
CA GLY D 85 -29.00 13.05 -0.54
C GLY D 85 -27.73 13.04 -1.38
N GLY D 86 -27.53 14.09 -2.16
CA GLY D 86 -26.37 14.18 -3.07
C GLY D 86 -26.46 13.26 -4.26
N LEU D 87 -27.62 12.64 -4.44
CA LEU D 87 -27.88 11.71 -5.52
C LEU D 87 -28.22 12.43 -6.84
N PRO D 88 -27.77 11.86 -7.98
CA PRO D 88 -27.90 12.51 -9.29
C PRO D 88 -29.29 12.38 -9.90
N ALA D 89 -30.09 11.47 -9.36
CA ALA D 89 -31.44 11.19 -9.84
C ALA D 89 -32.27 10.79 -8.62
N PRO D 90 -33.61 10.81 -8.76
CA PRO D 90 -34.40 10.12 -7.75
C PRO D 90 -34.22 8.60 -7.88
N TYR D 91 -34.38 7.88 -6.77
CA TYR D 91 -34.26 6.43 -6.77
C TYR D 91 -35.56 5.80 -6.24
N GLN D 92 -35.97 4.71 -6.89
CA GLN D 92 -37.22 4.03 -6.57
C GLN D 92 -36.95 2.81 -5.70
N ALA D 93 -37.71 2.69 -4.61
CA ALA D 93 -37.50 1.65 -3.60
C ALA D 93 -37.96 0.30 -4.11
N LYS D 94 -37.09 -0.70 -4.01
CA LYS D 94 -37.40 -2.05 -4.51
C LYS D 94 -37.69 -3.05 -3.37
N GLN D 95 -36.82 -3.04 -2.36
CA GLN D 95 -36.92 -3.99 -1.27
C GLN D 95 -36.12 -3.53 -0.05
N LEU D 96 -36.52 -4.04 1.10
CA LEU D 96 -35.86 -3.77 2.37
C LEU D 96 -35.57 -5.13 3.01
N HIS D 97 -34.35 -5.32 3.47
CA HIS D 97 -33.97 -6.56 4.14
C HIS D 97 -32.96 -6.26 5.24
N LEU D 98 -32.69 -7.24 6.10
CA LEU D 98 -31.78 -7.03 7.22
C LEU D 98 -30.65 -8.07 7.27
N HIS D 99 -29.60 -7.71 8.02
CA HIS D 99 -28.51 -8.62 8.39
C HIS D 99 -28.40 -8.53 9.90
N TRP D 100 -28.10 -9.65 10.56
CA TRP D 100 -28.09 -9.67 12.03
C TRP D 100 -27.28 -10.81 12.64
N SER D 101 -27.07 -10.74 13.95
CA SER D 101 -26.47 -11.83 14.72
C SER D 101 -27.39 -12.05 15.91
N ASP D 102 -26.91 -12.68 16.97
CA ASP D 102 -27.69 -12.80 18.19
C ASP D 102 -26.96 -12.20 19.40
N LEU D 103 -25.88 -11.46 19.12
CA LEU D 103 -25.08 -10.79 20.14
C LEU D 103 -25.01 -9.29 19.82
N PRO D 104 -25.14 -8.43 20.83
CA PRO D 104 -25.33 -6.98 20.61
C PRO D 104 -24.18 -6.29 19.89
N TYR D 105 -22.99 -6.86 19.99
CA TYR D 105 -21.78 -6.22 19.43
C TYR D 105 -21.41 -6.71 18.04
N LYS D 106 -22.24 -7.55 17.44
CA LYS D 106 -22.06 -7.86 16.03
C LYS D 106 -23.42 -8.07 15.36
N GLY D 107 -23.42 -8.09 14.04
CA GLY D 107 -24.64 -8.27 13.29
C GLY D 107 -24.76 -7.31 12.12
N SER D 108 -24.08 -6.17 12.22
CA SER D 108 -24.09 -5.21 11.11
C SER D 108 -23.02 -5.60 10.10
N GLU D 109 -23.14 -5.13 8.87
CA GLU D 109 -22.12 -5.39 7.86
C GLU D 109 -21.03 -4.31 7.91
N HIS D 110 -21.45 -3.04 7.86
CA HIS D 110 -20.54 -1.92 8.03
C HIS D 110 -20.24 -1.77 9.50
N SER D 111 -19.06 -1.22 9.79
CA SER D 111 -18.73 -0.75 11.12
C SER D 111 -18.43 0.74 11.06
N LEU D 112 -18.74 1.43 12.16
CA LEU D 112 -18.40 2.84 12.33
C LEU D 112 -17.35 2.94 13.40
N ASP D 113 -16.17 3.40 13.00
CA ASP D 113 -15.03 3.49 13.92
C ASP D 113 -14.75 2.17 14.63
N GLY D 114 -14.89 1.07 13.91
CA GLY D 114 -14.58 -0.26 14.44
C GLY D 114 -15.72 -0.86 15.26
N GLU D 115 -16.78 -0.08 15.49
CA GLU D 115 -17.92 -0.56 16.24
C GLU D 115 -18.93 -1.23 15.31
N HIS D 116 -19.24 -2.48 15.60
CA HIS D 116 -20.30 -3.20 14.89
C HIS D 116 -21.59 -3.06 15.69
N PHE D 117 -22.73 -3.17 15.00
CA PHE D 117 -24.01 -3.03 15.66
C PHE D 117 -24.78 -4.35 15.61
N ALA D 118 -25.97 -4.41 16.22
CA ALA D 118 -26.65 -5.69 16.40
C ALA D 118 -27.35 -6.14 15.14
N MET D 119 -27.76 -5.17 14.32
CA MET D 119 -28.27 -5.46 12.97
C MET D 119 -27.87 -4.36 11.99
N GLU D 120 -28.12 -4.60 10.70
CA GLU D 120 -28.06 -3.55 9.70
C GLU D 120 -29.20 -3.73 8.72
N MET D 121 -29.95 -2.65 8.50
CA MET D 121 -31.06 -2.64 7.59
C MET D 121 -30.65 -1.97 6.27
N HIS D 122 -30.97 -2.64 5.17
CA HIS D 122 -30.66 -2.14 3.83
C HIS D 122 -31.94 -1.90 3.03
N ILE D 123 -32.17 -0.64 2.66
CA ILE D 123 -33.27 -0.34 1.76
C ILE D 123 -32.71 -0.10 0.37
N VAL D 124 -33.04 -1.02 -0.53
CA VAL D 124 -32.47 -1.07 -1.87
C VAL D 124 -33.35 -0.32 -2.86
N HIS D 125 -32.75 0.68 -3.53
CA HIS D 125 -33.42 1.50 -4.51
C HIS D 125 -32.69 1.41 -5.84
N GLU D 126 -33.39 1.72 -6.93
CA GLU D 126 -32.79 1.76 -8.25
C GLU D 126 -32.96 3.14 -8.89
N LYS D 127 -31.92 3.59 -9.58
CA LYS D 127 -31.93 4.89 -10.26
C LYS D 127 -33.07 4.95 -11.28
N GLU D 128 -33.93 5.97 -11.17
CA GLU D 128 -35.08 6.10 -12.08
C GLU D 128 -34.64 6.53 -13.48
N LYS D 129 -35.07 5.77 -14.47
CA LYS D 129 -34.74 6.03 -15.86
C LYS D 129 -35.27 7.38 -16.33
N GLY D 130 -34.42 8.11 -17.04
CA GLY D 130 -34.80 9.39 -17.64
C GLY D 130 -35.03 10.52 -16.65
N THR D 131 -34.47 10.38 -15.44
CA THR D 131 -34.64 11.41 -14.41
C THR D 131 -33.34 11.97 -13.85
N SER D 132 -32.19 11.55 -14.39
CA SER D 132 -30.90 12.12 -13.96
C SER D 132 -30.77 13.56 -14.46
N ARG D 133 -29.93 14.35 -13.79
CA ARG D 133 -29.69 15.74 -14.20
C ARG D 133 -29.00 15.84 -15.56
N ASN D 134 -28.07 14.93 -15.83
CA ASN D 134 -27.48 14.80 -17.17
C ASN D 134 -27.30 13.35 -17.62
N VAL D 135 -27.03 13.16 -18.92
CA VAL D 135 -26.89 11.84 -19.56
C VAL D 135 -25.73 11.02 -18.98
N LYS D 136 -24.61 11.67 -18.71
CA LYS D 136 -23.45 11.05 -18.07
C LYS D 136 -23.86 10.36 -16.75
N GLU D 137 -24.63 11.08 -15.94
CA GLU D 137 -25.12 10.58 -14.66
C GLU D 137 -26.14 9.46 -14.87
N ALA D 138 -26.97 9.60 -15.91
CA ALA D 138 -27.95 8.58 -16.26
C ALA D 138 -27.27 7.28 -16.64
N GLN D 139 -26.12 7.40 -17.32
CA GLN D 139 -25.38 6.25 -17.84
C GLN D 139 -24.38 5.60 -16.88
N ASP D 140 -23.98 6.30 -15.82
CA ASP D 140 -22.99 5.80 -14.87
C ASP D 140 -23.45 4.46 -14.26
N PRO D 141 -22.69 3.36 -14.52
CA PRO D 141 -23.08 2.05 -13.97
C PRO D 141 -22.76 1.90 -12.47
N GLU D 142 -21.88 2.77 -11.96
CA GLU D 142 -21.39 2.66 -10.58
C GLU D 142 -22.42 3.00 -9.50
N ASP D 143 -23.49 3.70 -9.88
CA ASP D 143 -24.53 4.08 -8.91
C ASP D 143 -25.96 3.73 -9.37
N GLU D 144 -26.10 2.63 -10.11
CA GLU D 144 -27.40 2.18 -10.57
C GLU D 144 -28.31 1.85 -9.38
N ILE D 145 -27.71 1.35 -8.31
CA ILE D 145 -28.43 1.02 -7.09
C ILE D 145 -27.96 1.99 -6.00
N ALA D 146 -28.93 2.53 -5.25
CA ALA D 146 -28.66 3.22 -3.98
C ALA D 146 -29.20 2.38 -2.83
N VAL D 147 -28.31 1.99 -1.91
CA VAL D 147 -28.74 1.34 -0.68
C VAL D 147 -28.65 2.33 0.46
N LEU D 148 -29.72 2.44 1.23
CA LEU D 148 -29.73 3.24 2.45
C LEU D 148 -29.50 2.25 3.59
N ALA D 149 -28.42 2.43 4.34
CA ALA D 149 -28.04 1.47 5.38
C ALA D 149 -28.24 2.11 6.74
N PHE D 150 -29.01 1.43 7.58
CA PHE D 150 -29.26 1.88 8.94
C PHE D 150 -28.72 0.82 9.90
N LEU D 151 -28.00 1.30 10.91
CA LEU D 151 -27.45 0.44 11.92
C LEU D 151 -28.46 0.31 13.03
N VAL D 152 -28.49 -0.86 13.65
CA VAL D 152 -29.45 -1.15 14.71
C VAL D 152 -28.71 -1.39 16.00
N GLU D 153 -29.00 -0.54 16.98
CA GLU D 153 -28.42 -0.66 18.31
C GLU D 153 -29.35 -1.44 19.24
N ALA D 154 -28.82 -2.49 19.86
CA ALA D 154 -29.54 -3.28 20.86
C ALA D 154 -29.72 -2.48 22.16
N GLY D 155 -30.96 -2.45 22.65
CA GLY D 155 -31.27 -1.84 23.95
C GLY D 155 -32.25 -2.67 24.75
N THR D 156 -32.94 -2.00 25.68
CA THR D 156 -33.86 -2.69 26.60
C THR D 156 -35.29 -2.12 26.53
N GLN D 157 -35.54 -1.27 25.52
CA GLN D 157 -36.89 -0.74 25.23
C GLN D 157 -37.47 -1.33 23.95
N VAL D 158 -38.76 -1.66 23.98
CA VAL D 158 -39.43 -2.13 22.78
C VAL D 158 -39.74 -0.94 21.87
N ASN D 159 -39.20 -0.99 20.64
CA ASN D 159 -39.52 -0.02 19.59
C ASN D 159 -40.83 -0.44 18.94
N GLU D 160 -41.92 0.25 19.26
CA GLU D 160 -43.25 -0.12 18.77
C GLU D 160 -43.36 -0.10 17.23
N GLY D 161 -42.60 0.80 16.59
CA GLY D 161 -42.60 0.92 15.13
C GLY D 161 -42.18 -0.35 14.41
N PHE D 162 -41.35 -1.16 15.08
CA PHE D 162 -40.89 -2.44 14.53
C PHE D 162 -41.80 -3.63 14.78
N GLN D 163 -42.84 -3.45 15.59
CA GLN D 163 -43.64 -4.60 16.01
C GLN D 163 -44.40 -5.34 14.88
N PRO D 164 -45.01 -4.62 13.91
CA PRO D 164 -45.60 -5.31 12.75
C PRO D 164 -44.62 -6.24 12.02
N LEU D 165 -43.36 -5.82 11.86
CA LEU D 165 -42.35 -6.67 11.23
C LEU D 165 -42.00 -7.85 12.13
N VAL D 166 -41.65 -7.58 13.40
CA VAL D 166 -41.28 -8.63 14.34
C VAL D 166 -42.39 -9.68 14.48
N GLU D 167 -43.63 -9.22 14.56
CA GLU D 167 -44.74 -10.15 14.70
C GLU D 167 -44.96 -11.01 13.46
N ALA D 168 -44.66 -10.48 12.27
CA ALA D 168 -44.78 -11.25 11.02
C ALA D 168 -43.80 -12.43 10.91
N LEU D 169 -42.67 -12.35 11.60
CA LEU D 169 -41.60 -13.36 11.48
C LEU D 169 -42.06 -14.79 11.78
N SER D 170 -42.93 -14.96 12.77
CA SER D 170 -43.49 -16.29 13.12
C SER D 170 -44.20 -16.99 11.96
N ASN D 171 -44.72 -16.20 11.02
CA ASN D 171 -45.44 -16.71 9.86
C ASN D 171 -44.55 -17.15 8.69
N ILE D 172 -43.26 -16.85 8.76
CA ILE D 172 -42.30 -17.13 7.68
C ILE D 172 -41.00 -17.82 8.14
N PRO D 173 -41.10 -18.93 8.89
CA PRO D 173 -39.89 -19.53 9.47
C PRO D 173 -38.95 -20.17 8.43
N LYS D 174 -39.51 -20.69 7.34
CA LYS D 174 -38.73 -21.41 6.33
C LYS D 174 -38.54 -20.56 5.07
N PRO D 175 -37.47 -20.80 4.30
CA PRO D 175 -37.28 -20.12 3.01
C PRO D 175 -38.48 -20.31 2.08
N GLU D 176 -38.75 -19.30 1.25
CA GLU D 176 -39.85 -19.31 0.29
C GLU D 176 -41.21 -19.25 0.99
N MET D 177 -41.21 -18.61 2.15
CA MET D 177 -42.47 -18.29 2.80
C MET D 177 -42.64 -16.78 2.85
N SER D 178 -43.89 -16.34 2.75
CA SER D 178 -44.21 -14.92 2.81
C SER D 178 -45.50 -14.73 3.59
N THR D 179 -45.68 -13.50 4.09
CA THR D 179 -46.85 -13.13 4.85
C THR D 179 -47.09 -11.62 4.72
N THR D 180 -48.27 -11.17 5.13
CA THR D 180 -48.67 -9.77 5.08
C THR D 180 -48.45 -9.14 6.46
N MET D 181 -47.79 -7.98 6.52
CA MET D 181 -47.60 -7.31 7.81
C MET D 181 -48.86 -6.50 8.16
N ALA D 182 -49.11 -6.34 9.45
CA ALA D 182 -50.08 -5.36 9.94
C ALA D 182 -49.68 -3.96 9.44
N GLU D 183 -50.64 -3.05 9.40
CA GLU D 183 -50.44 -1.70 8.85
C GLU D 183 -49.23 -1.04 9.47
N SER D 184 -48.35 -0.52 8.61
CA SER D 184 -47.16 0.17 9.06
C SER D 184 -46.56 1.00 7.93
N SER D 185 -45.70 1.94 8.30
CA SER D 185 -44.99 2.74 7.30
C SER D 185 -43.50 2.40 7.35
N LEU D 186 -42.77 2.83 6.31
CA LEU D 186 -41.31 2.73 6.32
C LEU D 186 -40.68 3.61 7.39
N LEU D 187 -41.24 4.82 7.58
CA LEU D 187 -40.76 5.74 8.60
C LEU D 187 -40.85 5.14 10.02
N ASP D 188 -41.84 4.28 10.24
CA ASP D 188 -41.97 3.51 11.49
C ASP D 188 -40.70 2.73 11.82
N LEU D 189 -39.98 2.32 10.78
CA LEU D 189 -38.79 1.50 10.94
C LEU D 189 -37.53 2.35 11.09
N LEU D 190 -37.65 3.65 10.89
CA LEU D 190 -36.47 4.51 10.81
C LEU D 190 -36.33 5.42 12.03
N PRO D 191 -35.10 5.96 12.26
CA PRO D 191 -34.97 7.00 13.27
C PRO D 191 -35.76 8.22 12.80
N LYS D 192 -36.03 9.16 13.70
CA LYS D 192 -36.73 10.39 13.33
C LYS D 192 -36.01 11.06 12.17
N GLU D 193 -36.79 11.56 11.22
CA GLU D 193 -36.26 12.09 9.96
C GLU D 193 -35.23 13.22 10.14
N GLU D 194 -35.45 14.07 11.14
CA GLU D 194 -34.52 15.17 11.41
C GLU D 194 -33.15 14.66 11.85
N LYS D 195 -33.09 13.41 12.29
CA LYS D 195 -31.85 12.80 12.72
C LYS D 195 -31.15 12.05 11.58
N LEU D 196 -31.66 12.21 10.37
CA LEU D 196 -31.07 11.57 9.19
C LEU D 196 -30.29 12.54 8.30
N ARG D 197 -30.02 13.74 8.81
CA ARG D 197 -29.20 14.71 8.09
C ARG D 197 -27.71 14.33 8.00
N HIS D 198 -27.21 13.64 9.04
CA HIS D 198 -25.83 13.15 9.11
C HIS D 198 -25.68 11.74 8.54
N TYR D 199 -24.94 11.62 7.44
CA TYR D 199 -24.70 10.31 6.83
C TYR D 199 -23.35 10.27 6.12
N PHE D 200 -22.91 9.04 5.86
CA PHE D 200 -21.68 8.74 5.13
C PHE D 200 -21.99 8.19 3.76
N ARG D 201 -21.13 8.52 2.82
CA ARG D 201 -21.35 8.20 1.41
C ARG D 201 -20.06 7.63 0.80
N TYR D 202 -20.18 6.49 0.12
CA TYR D 202 -19.08 5.93 -0.67
C TYR D 202 -19.65 5.05 -1.78
N LEU D 203 -18.79 4.70 -2.75
CA LEU D 203 -19.19 3.78 -3.83
C LEU D 203 -18.64 2.38 -3.61
N GLY D 204 -19.46 1.38 -3.87
CA GLY D 204 -19.07 0.02 -3.59
C GLY D 204 -19.96 -1.01 -4.27
N SER D 205 -20.22 -2.11 -3.57
CA SER D 205 -20.84 -3.27 -4.17
C SER D 205 -22.05 -3.74 -3.40
N LEU D 206 -22.81 -4.62 -4.02
CA LEU D 206 -23.76 -5.45 -3.30
C LEU D 206 -22.97 -6.40 -2.40
N THR D 207 -23.56 -6.77 -1.26
CA THR D 207 -22.84 -7.55 -0.25
C THR D 207 -23.19 -9.04 -0.25
N THR D 208 -23.93 -9.47 -1.27
CA THR D 208 -24.12 -10.89 -1.56
C THR D 208 -23.80 -11.12 -3.06
N PRO D 209 -23.40 -12.35 -3.45
CA PRO D 209 -23.09 -12.64 -4.87
C PRO D 209 -24.23 -12.22 -5.82
N THR D 210 -23.92 -11.66 -6.98
CA THR D 210 -22.58 -11.61 -7.56
C THR D 210 -21.75 -10.37 -7.19
N CYS D 211 -22.15 -9.66 -6.13
CA CYS D 211 -21.39 -8.50 -5.61
C CYS D 211 -21.08 -7.44 -6.67
N ASP D 212 -22.03 -7.19 -7.58
CA ASP D 212 -21.84 -6.19 -8.62
C ASP D 212 -21.43 -4.85 -8.01
N GLU D 213 -20.41 -4.22 -8.60
CA GLU D 213 -19.92 -2.94 -8.12
C GLU D 213 -20.73 -1.80 -8.74
N LYS D 214 -21.96 -1.64 -8.26
CA LYS D 214 -22.88 -0.69 -8.86
C LYS D 214 -23.72 0.03 -7.82
N VAL D 215 -23.23 0.04 -6.58
CA VAL D 215 -23.97 0.62 -5.48
C VAL D 215 -23.36 1.93 -4.99
N VAL D 216 -24.20 2.96 -4.91
CA VAL D 216 -23.86 4.13 -4.14
C VAL D 216 -24.44 3.93 -2.74
N TRP D 217 -23.53 3.85 -1.77
CA TRP D 217 -23.86 3.57 -0.38
C TRP D 217 -24.11 4.81 0.45
N THR D 218 -25.11 4.72 1.30
CA THR D 218 -25.38 5.74 2.32
C THR D 218 -25.52 5.01 3.65
N VAL D 219 -24.68 5.35 4.60
CA VAL D 219 -24.78 4.79 5.95
C VAL D 219 -25.12 5.94 6.89
N PHE D 220 -26.28 5.86 7.53
CA PHE D 220 -26.72 6.93 8.40
C PHE D 220 -26.00 6.84 9.74
N ARG D 221 -25.59 7.99 10.25
CA ARG D 221 -24.91 8.05 11.56
C ARG D 221 -25.82 7.58 12.72
N GLU D 222 -27.10 7.94 12.66
CA GLU D 222 -28.02 7.69 13.78
C GLU D 222 -28.55 6.26 13.74
N PRO D 223 -28.28 5.47 14.78
CA PRO D 223 -28.79 4.10 14.79
C PRO D 223 -30.29 4.04 15.15
N ILE D 224 -30.93 2.97 14.72
CA ILE D 224 -32.27 2.57 15.16
C ILE D 224 -32.08 1.82 16.47
N GLN D 225 -32.94 2.10 17.45
CA GLN D 225 -32.91 1.40 18.73
C GLN D 225 -33.96 0.29 18.73
N LEU D 226 -33.52 -0.95 18.93
CA LEU D 226 -34.44 -2.08 19.08
C LEU D 226 -34.11 -2.83 20.35
N HIS D 227 -35.14 -3.35 21.01
CA HIS D 227 -34.95 -4.23 22.15
C HIS D 227 -34.14 -5.43 21.69
N ARG D 228 -33.22 -5.87 22.56
CA ARG D 228 -32.53 -7.14 22.39
C ARG D 228 -33.49 -8.26 21.95
N GLU D 229 -34.64 -8.34 22.58
CA GLU D 229 -35.63 -9.36 22.27
C GLU D 229 -36.28 -9.19 20.90
N GLN D 230 -36.43 -7.96 20.41
CA GLN D 230 -36.85 -7.74 19.02
C GLN D 230 -35.80 -8.18 18.02
N ILE D 231 -34.52 -7.96 18.35
CA ILE D 231 -33.44 -8.46 17.49
C ILE D 231 -33.39 -9.99 17.53
N LEU D 232 -33.50 -10.56 18.73
CA LEU D 232 -33.47 -12.01 18.90
C LEU D 232 -34.64 -12.76 18.24
N ALA D 233 -35.77 -12.10 18.10
CA ALA D 233 -36.91 -12.67 17.37
C ALA D 233 -36.50 -13.21 15.99
N PHE D 234 -35.57 -12.52 15.32
CA PHE D 234 -35.09 -12.93 13.98
C PHE D 234 -34.37 -14.30 13.98
N SER D 235 -33.45 -14.52 14.91
CA SER D 235 -32.78 -15.84 15.01
C SER D 235 -33.65 -16.89 15.73
N GLN D 236 -34.65 -16.46 16.48
CA GLN D 236 -35.53 -17.40 17.21
C GLN D 236 -36.63 -17.95 16.29
N LYS D 237 -37.07 -17.14 15.33
CA LYS D 237 -38.23 -17.51 14.51
C LYS D 237 -37.87 -18.03 13.12
N LEU D 238 -36.71 -17.60 12.64
CA LEU D 238 -36.29 -17.86 11.26
C LEU D 238 -35.21 -18.93 11.13
N TYR D 239 -35.24 -19.60 9.99
CA TYR D 239 -34.25 -20.61 9.64
C TYR D 239 -33.75 -20.42 8.20
N TYR D 240 -32.51 -20.83 7.96
CA TYR D 240 -31.91 -20.84 6.63
C TYR D 240 -32.49 -21.94 5.72
N ASP D 241 -33.03 -22.95 6.35
CA ASP D 241 -33.45 -24.10 5.62
C ASP D 241 -34.83 -24.62 5.84
N LYS D 242 -35.40 -25.23 4.81
CA LYS D 242 -36.70 -25.86 4.94
C LYS D 242 -36.84 -26.95 6.07
N GLU D 243 -35.77 -27.63 6.44
CA GLU D 243 -35.79 -28.64 7.47
C GLU D 243 -35.76 -28.04 8.88
N GLN D 244 -35.44 -26.77 8.91
CA GLN D 244 -35.40 -25.98 10.15
C GLN D 244 -34.36 -26.51 11.13
N THR D 245 -33.14 -26.67 10.64
CA THR D 245 -32.04 -27.16 11.45
C THR D 245 -31.01 -26.07 11.77
N VAL D 246 -30.94 -25.03 10.93
CA VAL D 246 -30.02 -23.93 11.14
C VAL D 246 -30.78 -22.60 11.31
N SER D 247 -30.83 -22.09 12.55
CA SER D 247 -31.47 -20.80 12.85
C SER D 247 -30.77 -19.69 12.07
N MET D 248 -31.56 -18.74 11.57
CA MET D 248 -31.01 -17.72 10.67
C MET D 248 -30.38 -16.59 11.48
N LYS D 249 -29.06 -16.48 11.37
CA LYS D 249 -28.30 -15.44 12.03
C LYS D 249 -26.93 -15.39 11.37
N ASP D 250 -26.17 -14.32 11.62
CA ASP D 250 -24.83 -14.19 11.08
C ASP D 250 -24.86 -14.25 9.55
N ASN D 251 -25.92 -13.70 9.00
CA ASN D 251 -26.02 -13.50 7.56
C ASN D 251 -25.30 -12.21 7.20
N VAL D 252 -24.02 -12.16 7.57
CA VAL D 252 -23.17 -10.99 7.32
C VAL D 252 -21.89 -11.29 6.54
N ARG D 253 -21.64 -10.50 5.52
CA ARG D 253 -20.38 -10.57 4.81
C ARG D 253 -19.25 -9.89 5.59
N PRO D 254 -18.05 -10.52 5.65
CA PRO D 254 -16.86 -9.93 6.30
C PRO D 254 -16.50 -8.56 5.72
N LEU D 255 -15.84 -7.73 6.52
CA LEU D 255 -15.36 -6.43 6.08
C LEU D 255 -14.42 -6.53 4.88
N GLN D 256 -14.57 -5.57 3.98
CA GLN D 256 -13.76 -5.48 2.78
C GLN D 256 -12.79 -4.30 2.89
N GLN D 257 -11.78 -4.29 2.03
CA GLN D 257 -10.76 -3.25 2.05
C GLN D 257 -11.25 -2.03 1.28
N LEU D 258 -11.05 -0.84 1.86
CA LEU D 258 -11.47 0.40 1.22
C LEU D 258 -10.69 0.61 -0.08
N GLY D 259 -9.40 0.28 -0.03
CA GLY D 259 -8.48 0.45 -1.15
C GLY D 259 -8.35 1.91 -1.54
N GLN D 260 -8.49 2.18 -2.83
CA GLN D 260 -8.29 3.51 -3.40
C GLN D 260 -9.41 4.52 -3.14
N ARG D 261 -10.53 4.05 -2.58
CA ARG D 261 -11.76 4.84 -2.51
C ARG D 261 -11.75 5.87 -1.39
N THR D 262 -12.61 6.87 -1.54
CA THR D 262 -12.81 7.93 -0.56
C THR D 262 -14.21 7.77 0.06
N VAL D 263 -14.31 7.97 1.38
CA VAL D 263 -15.61 8.07 2.03
C VAL D 263 -15.82 9.53 2.38
N ILE D 264 -17.00 10.04 2.03
CA ILE D 264 -17.36 11.43 2.34
C ILE D 264 -18.58 11.47 3.27
N LYS D 265 -18.86 12.65 3.81
CA LYS D 265 -20.00 12.81 4.71
C LYS D 265 -20.71 14.17 4.58
N SER D 266 -21.97 14.20 5.02
CA SER D 266 -22.76 15.42 4.99
C SER D 266 -22.29 16.34 6.12
#